data_1JX7
#
_entry.id   1JX7
#
_cell.length_a   66.210
_cell.length_b   80.460
_cell.length_c   140.150
_cell.angle_alpha   90.00
_cell.angle_beta   90.00
_cell.angle_gamma   90.00
#
_symmetry.space_group_name_H-M   'P 21 21 21'
#
loop_
_entity.id
_entity.type
_entity.pdbx_description
1 polymer 'HYPOTHETICAL PROTEIN YCHN'
2 water water
#
_entity_poly.entity_id   1
_entity_poly.type   'polypeptide(L)'
_entity_poly.pdbx_seq_one_letter_code
;(MSE)QKIVIVANGAPYGSESLFNSLRLAIALREQESNLDLRLFL(MSE)SDAVTAGLRGQKPGEGYNIQQ(MSE)LEIL
TAQNVPVKLCKTCTDGRGISTLPLIDGVEIGTLVELAQWTLSADKVLTF
;
_entity_poly.pdbx_strand_id   A,B,C,D,E,F
#
# COMPACT_ATOMS: atom_id res chain seq x y z
N GLN A 2 -25.03 -20.43 8.69
CA GLN A 2 -23.71 -19.86 8.94
C GLN A 2 -23.68 -18.38 8.63
N LYS A 3 -23.07 -17.61 9.54
CA LYS A 3 -22.98 -16.17 9.34
C LYS A 3 -21.55 -15.77 8.99
N ILE A 4 -21.39 -15.19 7.81
CA ILE A 4 -20.09 -14.75 7.36
C ILE A 4 -20.09 -13.25 7.07
N VAL A 5 -19.18 -12.53 7.73
CA VAL A 5 -19.06 -11.10 7.54
C VAL A 5 -17.79 -10.86 6.74
N ILE A 6 -17.88 -9.96 5.76
CA ILE A 6 -16.73 -9.60 4.95
C ILE A 6 -16.49 -8.11 5.08
N VAL A 7 -15.27 -7.74 5.42
CA VAL A 7 -14.96 -6.32 5.54
C VAL A 7 -14.00 -5.96 4.42
N ALA A 8 -13.97 -4.68 4.04
CA ALA A 8 -13.10 -4.22 2.98
C ALA A 8 -12.64 -2.79 3.25
N ASN A 9 -11.35 -2.55 3.02
CA ASN A 9 -10.72 -1.24 3.24
C ASN A 9 -10.27 -0.63 1.91
N GLY A 10 -10.04 -1.48 0.92
CA GLY A 10 -9.54 -1.01 -0.37
C GLY A 10 -10.38 -0.11 -1.27
N ALA A 11 -9.71 0.86 -1.88
CA ALA A 11 -10.37 1.78 -2.81
C ALA A 11 -10.67 1.01 -4.09
N PRO A 12 -11.86 1.22 -4.66
CA PRO A 12 -12.24 0.52 -5.89
C PRO A 12 -11.24 0.78 -7.00
N TYR A 13 -11.00 -0.22 -7.85
CA TYR A 13 -10.13 -0.10 -9.02
C TYR A 13 -8.66 0.25 -8.85
N GLY A 14 -8.35 0.99 -7.82
CA GLY A 14 -6.98 1.38 -7.61
C GLY A 14 -6.26 0.19 -7.01
N SER A 15 -6.95 -0.50 -6.16
CA SER A 15 -6.43 -1.69 -5.49
C SER A 15 -6.96 -2.92 -6.18
N GLU A 16 -6.67 -4.08 -5.59
CA GLU A 16 -7.14 -5.35 -6.11
C GLU A 16 -7.95 -6.02 -5.00
N SER A 17 -7.58 -5.69 -3.77
CA SER A 17 -8.21 -6.25 -2.59
C SER A 17 -9.72 -6.13 -2.58
N LEU A 18 -10.25 -4.95 -2.93
CA LEU A 18 -11.68 -4.75 -2.94
C LEU A 18 -12.32 -5.68 -3.98
N PHE A 19 -11.74 -5.68 -5.18
CA PHE A 19 -12.21 -6.52 -6.27
C PHE A 19 -12.24 -7.98 -5.83
N ASN A 20 -11.19 -8.43 -5.16
CA ASN A 20 -11.14 -9.81 -4.69
C ASN A 20 -12.20 -10.13 -3.64
N SER A 21 -12.49 -9.16 -2.77
CA SER A 21 -13.48 -9.34 -1.73
C SER A 21 -14.82 -9.67 -2.34
N LEU A 22 -15.19 -8.89 -3.35
CA LEU A 22 -16.47 -9.06 -4.05
C LEU A 22 -16.52 -10.34 -4.86
N ARG A 23 -15.39 -10.70 -5.48
CA ARG A 23 -15.33 -11.91 -6.28
C ARG A 23 -15.53 -13.11 -5.37
N LEU A 24 -14.93 -13.06 -4.18
CA LEU A 24 -15.04 -14.14 -3.20
C LEU A 24 -16.47 -14.17 -2.64
N ALA A 25 -17.03 -12.99 -2.45
CA ALA A 25 -18.38 -12.85 -1.92
C ALA A 25 -19.43 -13.46 -2.84
N ILE A 26 -19.35 -13.16 -4.12
CA ILE A 26 -20.28 -13.68 -5.11
C ILE A 26 -20.10 -15.19 -5.17
N ALA A 27 -18.86 -15.64 -4.93
CA ALA A 27 -18.53 -17.05 -4.98
C ALA A 27 -19.09 -17.80 -3.79
N LEU A 28 -19.03 -17.18 -2.61
CA LEU A 28 -19.55 -17.83 -1.42
C LEU A 28 -21.04 -18.10 -1.58
N ARG A 29 -21.74 -17.12 -2.12
CA ARG A 29 -23.16 -17.26 -2.35
C ARG A 29 -23.46 -18.35 -3.37
N GLU A 30 -22.71 -18.38 -4.47
CA GLU A 30 -22.93 -19.41 -5.50
C GLU A 30 -22.74 -20.82 -4.92
N GLN A 31 -21.99 -20.93 -3.83
CA GLN A 31 -21.76 -22.21 -3.20
C GLN A 31 -22.93 -22.54 -2.32
N GLU A 32 -23.42 -21.53 -1.59
CA GLU A 32 -24.55 -21.72 -0.70
C GLU A 32 -25.58 -20.60 -0.85
N SER A 33 -26.49 -20.83 -1.78
CA SER A 33 -27.58 -19.92 -2.12
C SER A 33 -28.22 -19.23 -0.92
N ASN A 34 -28.19 -19.90 0.22
CA ASN A 34 -28.78 -19.41 1.46
C ASN A 34 -27.77 -18.82 2.44
N LEU A 35 -26.50 -18.83 2.07
CA LEU A 35 -25.44 -18.33 2.94
C LEU A 35 -25.72 -16.93 3.45
N ASP A 36 -25.84 -16.78 4.77
CA ASP A 36 -26.07 -15.48 5.41
C ASP A 36 -24.76 -14.70 5.29
N LEU A 37 -24.70 -13.85 4.28
CA LEU A 37 -23.49 -13.07 3.99
C LEU A 37 -23.75 -11.59 4.17
N ARG A 38 -22.84 -10.93 4.89
CA ARG A 38 -22.93 -9.50 5.15
C ARG A 38 -21.62 -8.86 4.73
N LEU A 39 -21.72 -7.73 4.05
CA LEU A 39 -20.55 -6.98 3.55
C LEU A 39 -20.45 -5.60 4.16
N PHE A 40 -19.33 -5.32 4.79
CA PHE A 40 -19.12 -4.01 5.37
C PHE A 40 -17.97 -3.36 4.63
N LEU A 41 -18.07 -2.07 4.35
CA LEU A 41 -16.98 -1.39 3.65
C LEU A 41 -16.53 -0.18 4.47
N SER A 43 -13.29 2.86 5.41
CA SER A 43 -12.40 3.78 4.78
C SER A 43 -12.62 3.97 3.28
N ASP A 44 -11.57 3.84 2.47
CA ASP A 44 -11.58 3.84 1.01
C ASP A 44 -12.58 3.02 0.18
N ALA A 45 -12.88 1.80 0.62
CA ALA A 45 -13.81 0.94 -0.12
C ALA A 45 -15.22 1.52 -0.17
N VAL A 46 -15.40 2.65 0.50
CA VAL A 46 -16.69 3.29 0.60
C VAL A 46 -17.16 4.04 -0.65
N THR A 47 -16.21 4.51 -1.46
CA THR A 47 -16.57 5.22 -2.68
C THR A 47 -17.13 4.22 -3.69
N ALA A 48 -16.88 2.93 -3.45
CA ALA A 48 -17.36 1.85 -4.29
C ALA A 48 -18.90 1.81 -4.37
N GLY A 49 -19.54 2.53 -3.45
CA GLY A 49 -20.99 2.55 -3.44
C GLY A 49 -21.62 3.57 -4.37
N LEU A 50 -20.80 4.39 -5.04
CA LEU A 50 -21.38 5.39 -5.93
C LEU A 50 -22.00 4.74 -7.14
N ARG A 51 -23.02 5.41 -7.68
CA ARG A 51 -23.73 4.91 -8.84
C ARG A 51 -23.11 5.52 -10.09
N GLY A 52 -23.37 4.90 -11.25
CA GLY A 52 -22.86 5.42 -12.50
C GLY A 52 -21.45 5.02 -12.89
N GLN A 53 -20.90 4.02 -12.21
CA GLN A 53 -19.56 3.56 -12.53
C GLN A 53 -19.58 2.96 -13.92
N LYS A 54 -18.69 3.46 -14.78
CA LYS A 54 -18.64 2.96 -16.14
C LYS A 54 -17.23 2.99 -16.70
N PRO A 55 -16.40 2.01 -16.29
CA PRO A 55 -15.02 1.92 -16.74
C PRO A 55 -15.00 1.22 -18.09
N GLY A 56 -14.20 1.73 -19.02
CA GLY A 56 -14.15 1.11 -20.34
C GLY A 56 -13.21 -0.07 -20.32
N GLU A 57 -12.50 -0.21 -19.21
CA GLU A 57 -11.53 -1.27 -19.06
C GLU A 57 -12.11 -2.62 -18.58
N GLY A 58 -11.47 -3.18 -17.55
CA GLY A 58 -11.84 -4.47 -17.02
C GLY A 58 -13.09 -4.70 -16.18
N TYR A 59 -12.91 -5.01 -14.91
CA TYR A 59 -14.05 -5.27 -14.07
C TYR A 59 -14.87 -4.05 -13.69
N ASN A 60 -16.10 -4.29 -13.27
CA ASN A 60 -17.00 -3.22 -12.87
C ASN A 60 -17.56 -3.49 -11.48
N ILE A 61 -16.96 -2.83 -10.50
CA ILE A 61 -17.34 -2.97 -9.12
C ILE A 61 -18.82 -2.70 -8.87
N GLN A 62 -19.39 -1.79 -9.65
CA GLN A 62 -20.80 -1.49 -9.47
C GLN A 62 -21.63 -2.72 -9.71
N GLN A 63 -21.36 -3.42 -10.83
CA GLN A 63 -22.09 -4.64 -11.19
C GLN A 63 -21.95 -5.74 -10.15
N LEU A 65 -21.59 -5.41 -7.06
CA LEU A 65 -22.37 -5.06 -5.88
C LEU A 65 -23.85 -5.28 -6.14
N GLU A 66 -24.28 -5.08 -7.38
CA GLU A 66 -25.66 -5.28 -7.73
C GLU A 66 -25.97 -6.77 -7.72
N ILE A 67 -24.99 -7.57 -8.13
CA ILE A 67 -25.12 -9.02 -8.13
C ILE A 67 -25.36 -9.47 -6.68
N LEU A 68 -24.64 -8.86 -5.74
CA LEU A 68 -24.77 -9.20 -4.34
C LEU A 68 -26.02 -8.60 -3.69
N THR A 69 -26.37 -7.36 -4.04
CA THR A 69 -27.55 -6.78 -3.41
C THR A 69 -28.84 -7.35 -3.98
N ALA A 70 -28.82 -7.85 -5.21
CA ALA A 70 -30.04 -8.42 -5.81
C ALA A 70 -30.47 -9.68 -5.03
N GLN A 71 -29.47 -10.32 -4.41
CA GLN A 71 -29.64 -11.52 -3.59
C GLN A 71 -29.97 -11.15 -2.16
N ASN A 72 -30.07 -9.85 -1.87
CA ASN A 72 -30.38 -9.39 -0.53
C ASN A 72 -29.21 -9.55 0.44
N VAL A 73 -28.00 -9.59 -0.10
CA VAL A 73 -26.81 -9.67 0.74
C VAL A 73 -26.62 -8.23 1.18
N PRO A 74 -26.69 -7.97 2.50
CA PRO A 74 -26.54 -6.60 3.00
C PRO A 74 -25.14 -6.02 2.73
N VAL A 75 -25.13 -4.78 2.27
CA VAL A 75 -23.88 -4.08 1.97
C VAL A 75 -23.93 -2.74 2.69
N LYS A 76 -23.12 -2.61 3.74
CA LYS A 76 -23.09 -1.37 4.51
C LYS A 76 -21.83 -0.53 4.34
N LEU A 77 -22.03 0.77 4.18
CA LEU A 77 -20.91 1.70 4.03
C LEU A 77 -20.78 2.43 5.38
N CYS A 78 -19.55 2.52 5.89
CA CYS A 78 -19.31 3.17 7.17
C CYS A 78 -19.64 4.66 7.17
N LYS A 79 -20.51 5.05 8.10
CA LYS A 79 -20.97 6.43 8.25
C LYS A 79 -19.84 7.48 8.33
N THR A 80 -18.93 7.32 9.28
CA THR A 80 -17.86 8.29 9.42
C THR A 80 -17.02 8.39 8.16
N CYS A 81 -16.80 7.27 7.49
CA CYS A 81 -16.02 7.25 6.27
C CYS A 81 -16.71 8.00 5.13
N THR A 82 -17.96 7.66 4.86
CA THR A 82 -18.71 8.31 3.78
C THR A 82 -18.84 9.81 4.00
N ASP A 83 -19.05 10.23 5.25
CA ASP A 83 -19.19 11.66 5.55
C ASP A 83 -17.92 12.41 5.17
N GLY A 84 -16.77 11.82 5.53
CA GLY A 84 -15.50 12.45 5.23
C GLY A 84 -15.24 12.60 3.75
N ARG A 85 -15.80 11.70 2.94
CA ARG A 85 -15.57 11.76 1.50
C ARG A 85 -16.74 12.42 0.73
N GLY A 86 -17.72 12.92 1.49
CA GLY A 86 -18.86 13.58 0.88
C GLY A 86 -19.69 12.67 0.01
N ILE A 87 -19.76 11.41 0.43
CA ILE A 87 -20.51 10.40 -0.32
C ILE A 87 -21.82 10.08 0.39
N SER A 88 -21.94 10.52 1.64
CA SER A 88 -23.15 10.28 2.42
C SER A 88 -24.45 10.70 1.71
N THR A 89 -24.45 11.89 1.11
CA THR A 89 -25.65 12.40 0.42
C THR A 89 -25.75 12.07 -1.07
N LEU A 90 -24.77 11.37 -1.61
CA LEU A 90 -24.79 11.03 -3.01
C LEU A 90 -25.67 9.81 -3.25
N PRO A 91 -26.05 9.57 -4.54
CA PRO A 91 -26.88 8.42 -4.89
C PRO A 91 -26.04 7.15 -4.83
N LEU A 92 -26.44 6.21 -3.97
CA LEU A 92 -25.71 4.96 -3.85
C LEU A 92 -26.39 3.90 -4.69
N ILE A 93 -25.63 2.88 -5.05
CA ILE A 93 -26.14 1.74 -5.81
C ILE A 93 -27.26 1.20 -4.94
N ASP A 94 -28.27 0.60 -5.56
CA ASP A 94 -29.41 0.08 -4.83
C ASP A 94 -29.20 -0.42 -3.40
N GLY A 95 -29.15 -1.73 -3.22
CA GLY A 95 -28.99 -2.28 -1.89
C GLY A 95 -27.93 -1.69 -0.98
N VAL A 96 -27.00 -0.92 -1.55
CA VAL A 96 -25.93 -0.32 -0.76
C VAL A 96 -26.48 0.67 0.25
N GLU A 97 -25.99 0.61 1.49
CA GLU A 97 -26.45 1.53 2.54
C GLU A 97 -25.36 2.00 3.49
N ILE A 98 -25.68 3.06 4.24
CA ILE A 98 -24.75 3.66 5.19
C ILE A 98 -24.91 3.11 6.60
N GLY A 99 -23.93 2.34 7.06
CA GLY A 99 -24.00 1.76 8.40
C GLY A 99 -23.04 2.41 9.38
N THR A 100 -22.91 1.82 10.56
CA THR A 100 -22.03 2.39 11.57
C THR A 100 -21.08 1.39 12.21
N LEU A 101 -19.95 1.90 12.70
CA LEU A 101 -18.95 1.07 13.35
C LEU A 101 -19.62 0.18 14.37
N VAL A 102 -20.57 0.75 15.10
CA VAL A 102 -21.32 0.05 16.13
C VAL A 102 -21.93 -1.21 15.53
N GLU A 103 -22.37 -1.12 14.29
CA GLU A 103 -22.98 -2.26 13.60
C GLU A 103 -21.91 -3.29 13.25
N LEU A 104 -20.79 -2.85 12.69
CA LEU A 104 -19.72 -3.76 12.32
C LEU A 104 -19.34 -4.48 13.60
N ALA A 105 -19.20 -3.70 14.67
CA ALA A 105 -18.88 -4.23 15.99
C ALA A 105 -20.19 -4.71 16.53
N GLN A 106 -20.63 -5.87 16.05
CA GLN A 106 -21.89 -6.48 16.43
C GLN A 106 -22.03 -7.64 15.47
N TRP A 107 -21.92 -7.31 14.17
CA TRP A 107 -21.95 -8.32 13.13
C TRP A 107 -20.78 -9.26 13.43
N THR A 108 -19.67 -8.66 13.87
CA THR A 108 -18.45 -9.37 14.20
C THR A 108 -18.66 -10.33 15.36
N LEU A 109 -19.32 -9.82 16.40
CA LEU A 109 -19.60 -10.61 17.61
C LEU A 109 -20.57 -11.76 17.37
N SER A 110 -21.49 -11.59 16.43
CA SER A 110 -22.49 -12.62 16.15
C SER A 110 -22.24 -13.35 14.83
N ALA A 111 -20.98 -13.52 14.46
CA ALA A 111 -20.66 -14.19 13.21
C ALA A 111 -19.70 -15.34 13.46
N ASP A 112 -19.86 -16.42 12.71
CA ASP A 112 -18.97 -17.55 12.87
C ASP A 112 -17.63 -17.19 12.25
N LYS A 113 -17.67 -16.50 11.12
CA LYS A 113 -16.45 -16.08 10.45
C LYS A 113 -16.45 -14.64 9.97
N VAL A 114 -15.27 -14.04 9.98
CA VAL A 114 -15.13 -12.67 9.52
C VAL A 114 -13.88 -12.54 8.66
N LEU A 115 -14.11 -12.37 7.35
CA LEU A 115 -13.03 -12.21 6.41
C LEU A 115 -12.78 -10.71 6.28
N THR A 116 -11.53 -10.30 6.49
CA THR A 116 -11.19 -8.89 6.40
C THR A 116 -10.16 -8.64 5.31
N PHE A 117 -10.63 -8.20 4.15
CA PHE A 117 -9.77 -7.91 3.00
C PHE A 117 -9.36 -6.45 2.94
N GLN B 2 -16.29 -16.00 24.43
CA GLN B 2 -15.86 -15.66 23.06
C GLN B 2 -14.48 -15.02 23.09
N LYS B 3 -13.58 -15.56 22.27
CA LYS B 3 -12.20 -15.08 22.22
C LYS B 3 -11.87 -14.49 20.84
N ILE B 4 -11.63 -13.18 20.81
CA ILE B 4 -11.29 -12.50 19.57
C ILE B 4 -9.87 -11.95 19.61
N VAL B 5 -9.17 -12.10 18.48
CA VAL B 5 -7.79 -11.60 18.33
C VAL B 5 -7.74 -10.72 17.08
N ILE B 6 -7.21 -9.51 17.26
CA ILE B 6 -7.06 -8.60 16.13
C ILE B 6 -5.58 -8.39 15.97
N VAL B 7 -5.05 -8.63 14.77
CA VAL B 7 -3.63 -8.41 14.54
C VAL B 7 -3.48 -7.26 13.54
N ALA B 8 -2.71 -6.25 13.90
CA ALA B 8 -2.53 -5.10 13.01
C ALA B 8 -1.13 -5.04 12.43
N ASN B 9 -1.07 -4.70 11.15
CA ASN B 9 0.18 -4.61 10.40
C ASN B 9 0.51 -3.18 9.97
N GLY B 10 -0.53 -2.36 9.83
CA GLY B 10 -0.33 -0.99 9.39
C GLY B 10 0.39 -0.03 10.30
N ALA B 11 1.23 0.83 9.71
CA ALA B 11 1.97 1.83 10.46
C ALA B 11 1.04 2.96 10.91
N PRO B 12 1.21 3.44 12.14
CA PRO B 12 0.40 4.51 12.72
C PRO B 12 0.37 5.80 11.91
N TYR B 13 -0.81 6.40 11.79
CA TYR B 13 -1.05 7.64 11.08
C TYR B 13 -0.87 7.60 9.56
N GLY B 14 -0.12 6.63 9.06
CA GLY B 14 0.08 6.55 7.62
C GLY B 14 -0.98 5.68 6.96
N SER B 15 -1.44 4.69 7.71
CA SER B 15 -2.45 3.76 7.24
C SER B 15 -3.72 3.90 8.09
N GLU B 16 -4.84 4.19 7.44
CA GLU B 16 -6.11 4.33 8.16
C GLU B 16 -6.45 2.96 8.76
N SER B 17 -5.76 1.94 8.27
CA SER B 17 -5.93 0.55 8.66
C SER B 17 -5.72 0.30 10.16
N LEU B 18 -4.59 0.78 10.70
CA LEU B 18 -4.27 0.61 12.13
C LEU B 18 -5.31 1.35 12.95
N PHE B 19 -5.72 2.50 12.45
CA PHE B 19 -6.70 3.33 13.10
C PHE B 19 -8.06 2.62 13.15
N ASN B 20 -8.46 2.00 12.04
CA ASN B 20 -9.74 1.30 12.05
C ASN B 20 -9.67 0.11 13.00
N SER B 21 -8.51 -0.52 13.02
CA SER B 21 -8.28 -1.67 13.88
C SER B 21 -8.65 -1.35 15.34
N LEU B 22 -7.98 -0.35 15.90
CA LEU B 22 -8.23 0.05 17.29
C LEU B 22 -9.64 0.54 17.52
N ARG B 23 -10.28 1.05 16.47
CA ARG B 23 -11.67 1.51 16.56
C ARG B 23 -12.60 0.31 16.68
N LEU B 24 -12.30 -0.77 15.98
CA LEU B 24 -13.13 -1.94 16.06
C LEU B 24 -12.99 -2.54 17.46
N ALA B 25 -11.74 -2.73 17.88
CA ALA B 25 -11.43 -3.29 19.20
C ALA B 25 -12.14 -2.55 20.34
N ILE B 26 -12.01 -1.23 20.34
CA ILE B 26 -12.62 -0.36 21.35
C ILE B 26 -14.14 -0.51 21.31
N ALA B 27 -14.67 -0.67 20.11
CA ALA B 27 -16.10 -0.87 19.90
C ALA B 27 -16.50 -2.26 20.40
N LEU B 28 -15.79 -3.29 19.92
CA LEU B 28 -16.05 -4.67 20.34
C LEU B 28 -16.06 -4.78 21.86
N ARG B 29 -15.18 -4.03 22.50
CA ARG B 29 -15.11 -4.06 23.95
C ARG B 29 -16.41 -3.60 24.60
N GLU B 30 -16.92 -2.45 24.19
CA GLU B 30 -18.16 -1.90 24.75
C GLU B 30 -19.38 -2.79 24.54
N GLN B 31 -19.64 -3.16 23.29
CA GLN B 31 -20.79 -4.02 23.01
C GLN B 31 -20.80 -5.16 24.03
N GLU B 32 -19.88 -6.09 23.85
CA GLU B 32 -19.75 -7.25 24.73
C GLU B 32 -18.61 -6.99 25.69
N SER B 33 -18.88 -6.28 26.78
CA SER B 33 -17.83 -5.98 27.76
C SER B 33 -17.07 -7.25 28.15
N ASN B 34 -17.80 -8.34 28.34
CA ASN B 34 -17.19 -9.62 28.70
C ASN B 34 -16.78 -10.43 27.47
N LEU B 35 -15.70 -9.97 26.84
CA LEU B 35 -15.15 -10.58 25.63
C LEU B 35 -13.66 -10.69 25.82
N ASP B 36 -13.08 -11.85 25.51
CA ASP B 36 -11.63 -12.01 25.65
C ASP B 36 -10.95 -11.50 24.35
N LEU B 37 -10.67 -10.21 24.32
CA LEU B 37 -10.06 -9.59 23.16
C LEU B 37 -8.57 -9.32 23.39
N ARG B 38 -7.75 -9.73 22.43
CA ARG B 38 -6.31 -9.51 22.53
C ARG B 38 -5.84 -8.81 21.24
N LEU B 39 -4.69 -8.17 21.30
CA LEU B 39 -4.15 -7.46 20.13
C LEU B 39 -2.67 -7.75 19.92
N PHE B 40 -2.30 -8.07 18.69
CA PHE B 40 -0.93 -8.32 18.36
C PHE B 40 -0.60 -7.35 17.24
N LEU B 41 0.43 -6.53 17.42
CA LEU B 41 0.82 -5.55 16.41
C LEU B 41 2.10 -5.97 15.70
N SER B 43 4.95 -5.81 12.24
CA SER B 43 5.68 -4.93 11.37
C SER B 43 5.63 -3.46 11.72
N ASP B 44 5.20 -2.64 10.77
CA ASP B 44 5.06 -1.22 10.98
C ASP B 44 4.21 -0.76 12.16
N ALA B 45 3.10 -1.43 12.40
CA ALA B 45 2.20 -1.07 13.50
C ALA B 45 2.88 -1.03 14.86
N VAL B 46 4.00 -1.74 14.98
CA VAL B 46 4.70 -1.83 16.27
C VAL B 46 5.12 -0.49 16.86
N THR B 47 5.44 0.50 16.01
CA THR B 47 5.85 1.82 16.47
C THR B 47 4.69 2.49 17.20
N ALA B 48 3.49 1.95 17.03
CA ALA B 48 2.32 2.55 17.68
C ALA B 48 2.40 2.49 19.20
N GLY B 49 3.22 1.59 19.74
CA GLY B 49 3.32 1.48 21.18
C GLY B 49 4.22 2.49 21.87
N LEU B 50 4.73 3.48 21.13
CA LEU B 50 5.62 4.47 21.72
C LEU B 50 4.92 5.57 22.52
N ARG B 51 5.49 5.89 23.67
CA ARG B 51 4.94 6.93 24.51
C ARG B 51 5.18 8.29 23.88
N GLY B 52 4.41 9.29 24.31
CA GLY B 52 4.61 10.64 23.81
C GLY B 52 4.13 11.02 22.43
N GLN B 53 3.14 10.30 21.92
CA GLN B 53 2.60 10.62 20.60
C GLN B 53 1.77 11.90 20.71
N LYS B 54 2.19 12.96 20.04
CA LYS B 54 1.47 14.22 20.09
C LYS B 54 0.87 14.65 18.76
N PRO B 55 -0.20 13.99 18.33
CA PRO B 55 -0.85 14.31 17.05
C PRO B 55 -1.47 15.72 17.08
N GLY B 56 -1.20 16.50 16.04
CA GLY B 56 -1.78 17.83 15.99
C GLY B 56 -3.11 17.75 15.27
N GLU B 57 -3.18 16.82 14.31
CA GLU B 57 -4.37 16.58 13.50
C GLU B 57 -5.63 16.25 14.31
N GLY B 58 -6.01 14.97 14.31
CA GLY B 58 -7.19 14.57 15.03
C GLY B 58 -6.95 13.38 15.94
N TYR B 59 -7.24 12.17 15.46
CA TYR B 59 -7.09 10.98 16.28
C TYR B 59 -5.70 10.71 16.83
N ASN B 60 -5.66 10.10 18.01
CA ASN B 60 -4.41 9.80 18.70
C ASN B 60 -4.32 8.32 18.98
N ILE B 61 -3.40 7.65 18.30
CA ILE B 61 -3.24 6.22 18.48
C ILE B 61 -2.81 5.80 19.87
N GLN B 62 -2.01 6.64 20.53
CA GLN B 62 -1.60 6.30 21.89
C GLN B 62 -2.86 6.26 22.77
N GLN B 63 -3.69 7.29 22.64
CA GLN B 63 -4.93 7.40 23.41
C GLN B 63 -5.84 6.18 23.21
N LEU B 65 -5.01 3.19 22.36
CA LEU B 65 -4.38 2.02 22.95
C LEU B 65 -4.57 2.02 24.47
N GLU B 66 -4.41 3.18 25.07
CA GLU B 66 -4.57 3.33 26.52
C GLU B 66 -6.03 3.02 26.93
N ILE B 67 -6.98 3.36 26.06
CA ILE B 67 -8.38 3.07 26.32
C ILE B 67 -8.55 1.55 26.37
N LEU B 68 -7.78 0.85 25.57
CA LEU B 68 -7.84 -0.61 25.55
C LEU B 68 -7.07 -1.17 26.74
N THR B 69 -5.79 -0.82 26.86
CA THR B 69 -5.01 -1.29 27.99
C THR B 69 -5.31 -0.43 29.20
N ALA B 70 -6.54 -0.56 29.70
CA ALA B 70 -7.03 0.18 30.85
C ALA B 70 -8.30 -0.57 31.19
N GLN B 71 -8.75 -1.35 30.21
CA GLN B 71 -9.93 -2.19 30.34
C GLN B 71 -9.39 -3.62 30.29
N ASN B 72 -8.07 -3.72 30.36
CA ASN B 72 -7.36 -4.98 30.35
C ASN B 72 -7.36 -5.73 29.03
N VAL B 73 -7.03 -5.05 27.94
CA VAL B 73 -6.96 -5.75 26.67
C VAL B 73 -5.49 -5.96 26.37
N PRO B 74 -5.03 -7.22 26.35
CA PRO B 74 -3.62 -7.46 26.06
C PRO B 74 -3.23 -6.86 24.71
N VAL B 75 -2.12 -6.12 24.69
CA VAL B 75 -1.63 -5.53 23.45
C VAL B 75 -0.15 -5.91 23.38
N LYS B 76 0.20 -6.78 22.44
CA LYS B 76 1.58 -7.21 22.29
C LYS B 76 2.22 -6.70 20.99
N LEU B 77 3.53 -6.52 20.99
CA LEU B 77 4.25 -6.06 19.82
C LEU B 77 5.25 -7.13 19.40
N CYS B 78 5.21 -7.55 18.13
CA CYS B 78 6.11 -8.57 17.64
C CYS B 78 7.58 -8.23 17.99
N LYS B 79 8.25 -9.17 18.64
CA LYS B 79 9.65 -8.98 19.07
C LYS B 79 10.63 -8.66 17.95
N THR B 80 10.64 -9.50 16.90
CA THR B 80 11.55 -9.27 15.79
C THR B 80 11.30 -7.92 15.12
N CYS B 81 10.05 -7.46 15.17
CA CYS B 81 9.70 -6.19 14.54
C CYS B 81 10.13 -5.01 15.38
N THR B 82 9.97 -5.08 16.69
CA THR B 82 10.35 -3.97 17.54
C THR B 82 11.87 -3.89 17.62
N ASP B 83 12.53 -5.04 17.54
CA ASP B 83 13.99 -5.07 17.60
C ASP B 83 14.61 -4.41 16.38
N GLY B 84 13.98 -4.60 15.21
CA GLY B 84 14.50 -4.01 13.99
C GLY B 84 14.32 -2.49 13.89
N ARG B 85 13.20 -1.98 14.41
CA ARG B 85 12.92 -0.55 14.38
C ARG B 85 13.39 0.15 15.65
N GLY B 86 14.18 -0.58 16.45
CA GLY B 86 14.75 -0.05 17.69
C GLY B 86 13.81 0.49 18.74
N ILE B 87 12.71 -0.19 18.95
CA ILE B 87 11.73 0.27 19.92
C ILE B 87 11.64 -0.61 21.16
N SER B 88 12.38 -1.71 21.18
CA SER B 88 12.34 -2.61 22.33
C SER B 88 12.73 -1.96 23.66
N THR B 89 13.75 -1.11 23.63
CA THR B 89 14.27 -0.44 24.82
C THR B 89 13.56 0.85 25.21
N LEU B 90 12.91 1.47 24.25
CA LEU B 90 12.20 2.74 24.48
C LEU B 90 10.93 2.58 25.32
N PRO B 91 10.47 3.69 25.95
CA PRO B 91 9.26 3.73 26.81
C PRO B 91 8.01 3.41 26.02
N LEU B 92 7.33 2.32 26.38
CA LEU B 92 6.11 1.92 25.68
C LEU B 92 4.86 2.29 26.47
N ILE B 93 3.73 2.41 25.76
CA ILE B 93 2.47 2.72 26.41
C ILE B 93 2.26 1.67 27.50
N ASP B 94 1.48 2.01 28.51
CA ASP B 94 1.25 1.14 29.66
C ASP B 94 1.00 -0.36 29.50
N GLY B 95 -0.22 -0.75 29.13
CA GLY B 95 -0.50 -2.17 29.01
C GLY B 95 0.06 -2.81 27.76
N VAL B 96 0.97 -2.10 27.08
CA VAL B 96 1.60 -2.61 25.86
C VAL B 96 2.87 -3.33 26.22
N GLU B 97 3.04 -4.55 25.70
CA GLU B 97 4.23 -5.32 25.99
C GLU B 97 4.77 -6.01 24.75
N ILE B 98 6.02 -6.45 24.84
CA ILE B 98 6.67 -7.15 23.76
C ILE B 98 6.22 -8.60 23.73
N GLY B 99 5.95 -9.10 22.52
CA GLY B 99 5.49 -10.47 22.36
C GLY B 99 6.17 -11.15 21.20
N THR B 100 5.87 -12.45 21.02
CA THR B 100 6.49 -13.21 19.94
C THR B 100 5.48 -13.77 18.94
N LEU B 101 5.99 -14.28 17.83
CA LEU B 101 5.14 -14.86 16.80
C LEU B 101 4.51 -16.13 17.36
N VAL B 102 5.26 -16.85 18.20
CA VAL B 102 4.78 -18.07 18.81
C VAL B 102 3.56 -17.86 19.67
N GLU B 103 3.55 -16.77 20.45
CA GLU B 103 2.39 -16.46 21.29
C GLU B 103 1.26 -16.13 20.34
N LEU B 104 1.57 -15.35 19.30
CA LEU B 104 0.58 -14.96 18.30
C LEU B 104 -0.05 -16.23 17.72
N ALA B 105 0.76 -17.28 17.55
CA ALA B 105 0.24 -18.52 17.02
C ALA B 105 -0.72 -19.10 18.05
N GLN B 106 -0.27 -19.15 19.31
CA GLN B 106 -1.08 -19.65 20.43
C GLN B 106 -2.46 -18.98 20.48
N TRP B 107 -2.46 -17.65 20.36
CA TRP B 107 -3.70 -16.88 20.37
C TRP B 107 -4.57 -17.29 19.21
N THR B 108 -3.94 -17.40 18.05
CA THR B 108 -4.63 -17.76 16.83
C THR B 108 -5.30 -19.12 16.94
N LEU B 109 -4.57 -20.14 17.36
CA LEU B 109 -5.15 -21.46 17.50
C LEU B 109 -6.22 -21.54 18.58
N SER B 110 -6.10 -20.69 19.59
CA SER B 110 -7.03 -20.67 20.71
C SER B 110 -8.27 -19.80 20.48
N ALA B 111 -8.12 -18.78 19.63
CA ALA B 111 -9.22 -17.85 19.32
C ALA B 111 -10.35 -18.47 18.54
N ASP B 112 -11.53 -17.87 18.68
CA ASP B 112 -12.73 -18.30 17.95
C ASP B 112 -12.84 -17.47 16.68
N LYS B 113 -12.47 -16.21 16.77
CA LYS B 113 -12.51 -15.30 15.63
C LYS B 113 -11.24 -14.46 15.57
N VAL B 114 -10.49 -14.57 14.48
CA VAL B 114 -9.27 -13.80 14.36
C VAL B 114 -9.43 -12.79 13.23
N LEU B 115 -9.43 -11.50 13.56
CA LEU B 115 -9.58 -10.45 12.55
C LEU B 115 -8.21 -9.83 12.28
N THR B 116 -7.84 -9.72 11.00
CA THR B 116 -6.55 -9.17 10.63
C THR B 116 -6.61 -7.85 9.84
N PHE B 117 -6.08 -6.78 10.43
CA PHE B 117 -6.06 -5.47 9.80
C PHE B 117 -4.62 -5.04 9.47
N GLN C 2 -8.45 -28.90 13.51
CA GLN C 2 -8.90 -27.55 13.22
C GLN C 2 -8.69 -27.21 11.76
N LYS C 3 -9.66 -26.50 11.20
CA LYS C 3 -9.60 -26.09 9.80
C LYS C 3 -9.28 -24.60 9.74
N ILE C 4 -8.05 -24.27 9.39
CA ILE C 4 -7.65 -22.87 9.29
C ILE C 4 -7.14 -22.55 7.91
N VAL C 5 -7.76 -21.57 7.26
CA VAL C 5 -7.33 -21.16 5.94
C VAL C 5 -6.65 -19.79 6.04
N ILE C 6 -5.48 -19.67 5.42
CA ILE C 6 -4.73 -18.43 5.40
C ILE C 6 -4.71 -17.96 3.95
N VAL C 7 -5.12 -16.72 3.72
CA VAL C 7 -5.11 -16.17 2.36
C VAL C 7 -4.09 -15.06 2.39
N ALA C 8 -3.30 -14.93 1.33
CA ALA C 8 -2.28 -13.89 1.23
C ALA C 8 -2.44 -13.21 -0.11
N ASN C 9 -2.11 -11.91 -0.15
CA ASN C 9 -2.25 -11.13 -1.37
C ASN C 9 -1.01 -10.30 -1.72
N GLY C 10 -0.16 -10.05 -0.73
CA GLY C 10 1.03 -9.25 -0.96
C GLY C 10 2.14 -9.88 -1.76
N ALA C 11 2.69 -9.15 -2.71
CA ALA C 11 3.78 -9.66 -3.52
C ALA C 11 4.96 -9.99 -2.59
N PRO C 12 5.72 -11.04 -2.94
CA PRO C 12 6.87 -11.47 -2.14
C PRO C 12 7.98 -10.41 -2.05
N TYR C 13 8.66 -10.38 -0.91
CA TYR C 13 9.78 -9.43 -0.71
C TYR C 13 9.41 -7.95 -0.76
N GLY C 14 8.37 -7.64 -1.52
CA GLY C 14 7.99 -6.25 -1.70
C GLY C 14 7.48 -5.70 -0.38
N SER C 15 6.75 -6.51 0.36
CA SER C 15 6.20 -6.09 1.65
C SER C 15 6.42 -7.21 2.65
N GLU C 16 6.16 -6.96 3.91
CA GLU C 16 6.32 -7.98 4.95
C GLU C 16 5.07 -8.86 4.98
N SER C 17 3.99 -8.35 4.40
CA SER C 17 2.70 -9.03 4.35
C SER C 17 2.81 -10.53 4.11
N LEU C 18 3.21 -10.91 2.91
CA LEU C 18 3.33 -12.32 2.55
C LEU C 18 4.33 -13.06 3.45
N PHE C 19 5.37 -12.37 3.91
CA PHE C 19 6.38 -12.97 4.76
C PHE C 19 5.84 -13.38 6.12
N ASN C 20 5.23 -12.44 6.83
CA ASN C 20 4.68 -12.74 8.16
C ASN C 20 3.51 -13.69 8.03
N SER C 21 2.93 -13.76 6.85
CA SER C 21 1.82 -14.64 6.63
C SER C 21 2.33 -16.09 6.62
N LEU C 22 3.46 -16.30 5.97
CA LEU C 22 4.03 -17.65 5.91
C LEU C 22 4.69 -18.01 7.23
N ARG C 23 5.28 -17.01 7.88
CA ARG C 23 5.96 -17.20 9.17
C ARG C 23 4.92 -17.66 10.21
N LEU C 24 3.73 -17.07 10.16
CA LEU C 24 2.65 -17.39 11.08
C LEU C 24 2.09 -18.77 10.77
N ALA C 25 2.11 -19.15 9.48
CA ALA C 25 1.60 -20.46 9.05
C ALA C 25 2.56 -21.56 9.51
N ILE C 26 3.87 -21.28 9.44
CA ILE C 26 4.89 -22.25 9.86
C ILE C 26 4.81 -22.42 11.37
N ALA C 27 4.61 -21.33 12.09
CA ALA C 27 4.50 -21.41 13.54
C ALA C 27 3.21 -22.14 13.98
N LEU C 28 2.11 -21.96 13.25
CA LEU C 28 0.84 -22.63 13.59
C LEU C 28 1.00 -24.14 13.42
N ARG C 29 1.72 -24.52 12.37
CA ARG C 29 1.98 -25.93 12.05
C ARG C 29 2.88 -26.54 13.12
N GLU C 30 3.89 -25.80 13.56
CA GLU C 30 4.82 -26.27 14.58
C GLU C 30 4.12 -26.41 15.94
N GLN C 31 2.99 -25.71 16.09
CA GLN C 31 2.22 -25.76 17.33
C GLN C 31 1.40 -27.05 17.39
N GLU C 32 0.55 -27.28 16.39
CA GLU C 32 -0.28 -28.48 16.31
C GLU C 32 -0.01 -29.12 14.95
N SER C 33 0.67 -30.26 14.97
CA SER C 33 1.00 -30.97 13.75
C SER C 33 -0.24 -31.43 12.99
N ASN C 34 -1.27 -31.86 13.72
CA ASN C 34 -2.49 -32.34 13.10
C ASN C 34 -3.56 -31.24 12.96
N LEU C 35 -3.15 -30.14 12.33
CA LEU C 35 -4.01 -28.99 12.09
C LEU C 35 -4.26 -28.98 10.58
N ASP C 36 -5.50 -28.84 10.16
CA ASP C 36 -5.85 -28.80 8.75
C ASP C 36 -5.58 -27.38 8.23
N LEU C 37 -4.33 -27.11 7.86
CA LEU C 37 -3.91 -25.78 7.39
C LEU C 37 -3.79 -25.65 5.88
N ARG C 38 -4.58 -24.71 5.31
CA ARG C 38 -4.60 -24.46 3.88
C ARG C 38 -4.03 -23.08 3.51
N LEU C 39 -3.21 -23.04 2.47
CA LEU C 39 -2.63 -21.77 2.01
C LEU C 39 -3.22 -21.43 0.64
N PHE C 40 -3.69 -20.20 0.49
CA PHE C 40 -4.22 -19.75 -0.79
C PHE C 40 -3.64 -18.38 -1.13
N LEU C 41 -2.99 -18.28 -2.29
CA LEU C 41 -2.34 -17.04 -2.74
C LEU C 41 -3.07 -16.36 -3.90
N SER C 43 -3.70 -12.48 -6.28
CA SER C 43 -3.02 -11.29 -6.80
C SER C 43 -1.50 -11.39 -6.98
N ASP C 44 -0.78 -10.48 -6.33
CA ASP C 44 0.68 -10.44 -6.42
C ASP C 44 1.38 -11.54 -5.63
N ALA C 45 0.67 -12.18 -4.72
CA ALA C 45 1.26 -13.25 -3.92
C ALA C 45 1.54 -14.45 -4.81
N VAL C 46 0.73 -14.56 -5.86
CA VAL C 46 0.85 -15.65 -6.82
C VAL C 46 2.26 -15.90 -7.38
N THR C 47 3.11 -14.85 -7.44
CA THR C 47 4.44 -15.05 -7.98
C THR C 47 5.43 -15.70 -7.02
N ALA C 48 5.02 -15.87 -5.77
CA ALA C 48 5.88 -16.50 -4.75
C ALA C 48 6.09 -17.99 -5.02
N GLY C 49 5.25 -18.57 -5.88
CA GLY C 49 5.36 -19.99 -6.18
C GLY C 49 6.49 -20.34 -7.13
N LEU C 50 7.11 -19.32 -7.72
CA LEU C 50 8.21 -19.54 -8.65
C LEU C 50 9.43 -20.22 -8.02
N ARG C 51 9.99 -21.16 -8.78
CA ARG C 51 11.14 -21.93 -8.37
C ARG C 51 12.38 -21.07 -8.60
N GLY C 52 13.53 -21.50 -8.08
CA GLY C 52 14.76 -20.74 -8.29
C GLY C 52 14.96 -19.35 -7.68
N GLN C 53 14.32 -19.07 -6.56
CA GLN C 53 14.50 -17.76 -5.93
C GLN C 53 15.85 -17.78 -5.23
N LYS C 54 16.70 -16.81 -5.57
CA LYS C 54 18.02 -16.73 -4.94
C LYS C 54 18.28 -15.36 -4.27
N PRO C 55 17.60 -15.10 -3.15
CA PRO C 55 17.73 -13.84 -2.39
C PRO C 55 19.07 -13.83 -1.66
N GLY C 56 19.87 -12.79 -1.87
CA GLY C 56 21.15 -12.71 -1.19
C GLY C 56 21.03 -11.90 0.09
N GLU C 57 19.79 -11.63 0.48
CA GLU C 57 19.52 -10.85 1.67
C GLU C 57 19.26 -11.72 2.90
N GLY C 58 18.03 -11.66 3.39
CA GLY C 58 17.66 -12.41 4.56
C GLY C 58 16.69 -13.54 4.32
N TYR C 59 15.40 -13.28 4.53
CA TYR C 59 14.43 -14.35 4.38
C TYR C 59 14.25 -14.87 2.96
N ASN C 60 13.98 -16.16 2.85
CA ASN C 60 13.77 -16.78 1.54
C ASN C 60 12.34 -17.33 1.53
N ILE C 61 11.49 -16.71 0.73
CA ILE C 61 10.11 -17.16 0.66
C ILE C 61 9.94 -18.55 0.08
N GLN C 62 10.80 -18.91 -0.87
CA GLN C 62 10.70 -20.24 -1.46
C GLN C 62 10.94 -21.32 -0.40
N GLN C 63 11.92 -21.10 0.47
CA GLN C 63 12.21 -22.06 1.52
C GLN C 63 11.08 -22.18 2.52
N LEU C 65 7.97 -21.68 1.83
CA LEU C 65 6.88 -22.36 1.16
C LEU C 65 7.17 -23.85 1.07
N GLU C 66 8.43 -24.21 1.01
CA GLU C 66 8.79 -25.61 0.89
C GLU C 66 8.68 -26.30 2.25
N ILE C 67 8.94 -25.56 3.31
CA ILE C 67 8.87 -26.12 4.65
C ILE C 67 7.42 -26.44 4.98
N LEU C 68 6.51 -25.67 4.39
CA LEU C 68 5.09 -25.88 4.60
C LEU C 68 4.58 -27.05 3.77
N THR C 69 4.89 -27.07 2.47
CA THR C 69 4.42 -28.17 1.63
C THR C 69 5.05 -29.48 2.05
N ALA C 70 6.16 -29.41 2.79
CA ALA C 70 6.84 -30.60 3.28
C ALA C 70 6.00 -31.23 4.39
N GLN C 71 5.41 -30.39 5.22
CA GLN C 71 4.55 -30.86 6.30
C GLN C 71 3.14 -31.12 5.75
N ASN C 72 3.09 -31.47 4.47
CA ASN C 72 1.84 -31.76 3.78
C ASN C 72 0.74 -30.69 3.83
N VAL C 73 1.12 -29.43 3.70
CA VAL C 73 0.16 -28.33 3.72
C VAL C 73 -0.22 -27.92 2.31
N PRO C 74 -1.52 -27.82 2.02
CA PRO C 74 -1.85 -27.43 0.64
C PRO C 74 -1.52 -25.97 0.38
N VAL C 75 -1.01 -25.72 -0.82
CA VAL C 75 -0.67 -24.37 -1.25
C VAL C 75 -1.12 -24.21 -2.71
N LYS C 76 -2.24 -23.53 -2.96
CA LYS C 76 -2.70 -23.36 -4.33
C LYS C 76 -2.61 -21.90 -4.76
N LEU C 77 -2.11 -21.64 -5.96
CA LEU C 77 -2.02 -20.27 -6.48
C LEU C 77 -3.29 -19.98 -7.27
N CYS C 78 -3.82 -18.76 -7.14
CA CYS C 78 -5.03 -18.44 -7.88
C CYS C 78 -4.78 -18.49 -9.38
N LYS C 79 -5.59 -19.33 -10.04
CA LYS C 79 -5.54 -19.56 -11.50
C LYS C 79 -5.65 -18.32 -12.39
N THR C 80 -6.62 -17.43 -12.13
CA THR C 80 -6.77 -16.24 -12.98
C THR C 80 -5.65 -15.24 -12.78
N CYS C 81 -5.08 -15.23 -11.57
CA CYS C 81 -3.98 -14.33 -11.25
C CYS C 81 -2.72 -14.81 -11.97
N THR C 82 -2.49 -16.13 -11.90
CA THR C 82 -1.32 -16.76 -12.50
C THR C 82 -1.36 -16.72 -14.04
N ASP C 83 -2.55 -16.82 -14.60
CA ASP C 83 -2.67 -16.76 -16.05
C ASP C 83 -2.24 -15.39 -16.55
N GLY C 84 -2.83 -14.35 -15.96
CA GLY C 84 -2.52 -12.99 -16.37
C GLY C 84 -1.12 -12.53 -16.06
N ARG C 85 -0.42 -13.26 -15.21
CA ARG C 85 0.93 -12.88 -14.83
C ARG C 85 1.99 -13.69 -15.54
N GLY C 86 1.55 -14.71 -16.28
CA GLY C 86 2.45 -15.57 -17.01
C GLY C 86 3.14 -16.62 -16.15
N ILE C 87 2.55 -16.93 -15.00
CA ILE C 87 3.13 -17.91 -14.08
C ILE C 87 2.50 -19.29 -14.20
N SER C 88 1.28 -19.35 -14.74
CA SER C 88 0.55 -20.62 -14.86
C SER C 88 1.28 -21.72 -15.62
N THR C 89 2.35 -21.38 -16.32
CA THR C 89 3.07 -22.38 -17.08
C THR C 89 4.56 -22.30 -16.86
N LEU C 90 4.95 -21.98 -15.63
CA LEU C 90 6.34 -21.89 -15.28
C LEU C 90 6.60 -22.88 -14.15
N PRO C 91 7.88 -23.23 -13.92
CA PRO C 91 8.27 -24.17 -12.87
C PRO C 91 7.83 -23.66 -11.50
N LEU C 92 7.11 -24.49 -10.75
CA LEU C 92 6.64 -24.09 -9.44
C LEU C 92 7.29 -24.89 -8.31
N ILE C 93 7.39 -24.26 -7.14
CA ILE C 93 7.96 -24.89 -5.97
C ILE C 93 7.33 -26.27 -5.77
N ASP C 94 8.10 -27.17 -5.17
CA ASP C 94 7.67 -28.56 -4.92
C ASP C 94 6.18 -28.85 -4.74
N GLY C 95 5.60 -28.51 -3.60
CA GLY C 95 4.19 -28.82 -3.42
C GLY C 95 3.19 -27.70 -3.66
N VAL C 96 3.46 -26.84 -4.65
CA VAL C 96 2.57 -25.72 -4.95
C VAL C 96 1.81 -25.93 -6.26
N GLU C 97 0.48 -25.96 -6.19
CA GLU C 97 -0.33 -26.16 -7.38
C GLU C 97 -1.19 -24.94 -7.69
N ILE C 98 -1.83 -24.96 -8.84
CA ILE C 98 -2.70 -23.85 -9.23
C ILE C 98 -4.10 -24.20 -8.82
N GLY C 99 -4.78 -23.27 -8.17
CA GLY C 99 -6.13 -23.54 -7.71
C GLY C 99 -7.12 -22.57 -8.28
N THR C 100 -8.33 -22.59 -7.74
CA THR C 100 -9.40 -21.71 -8.21
C THR C 100 -10.16 -21.03 -7.09
N LEU C 101 -10.74 -19.87 -7.40
CA LEU C 101 -11.51 -19.11 -6.44
C LEU C 101 -12.71 -19.95 -5.95
N VAL C 102 -13.09 -20.93 -6.74
CA VAL C 102 -14.21 -21.81 -6.40
C VAL C 102 -13.75 -22.74 -5.28
N GLU C 103 -12.47 -23.12 -5.35
CA GLU C 103 -11.85 -24.00 -4.35
C GLU C 103 -11.66 -23.22 -3.04
N LEU C 104 -11.37 -21.92 -3.18
CA LEU C 104 -11.18 -21.04 -2.01
C LEU C 104 -12.52 -20.79 -1.32
N ALA C 105 -13.59 -20.72 -2.11
CA ALA C 105 -14.91 -20.52 -1.53
C ALA C 105 -15.28 -21.77 -0.75
N GLN C 106 -14.88 -22.92 -1.28
CA GLN C 106 -15.16 -24.18 -0.58
C GLN C 106 -14.39 -24.21 0.72
N TRP C 107 -13.09 -23.94 0.65
CA TRP C 107 -12.23 -23.93 1.85
C TRP C 107 -12.78 -23.05 2.97
N THR C 108 -13.15 -21.81 2.59
CA THR C 108 -13.67 -20.83 3.54
C THR C 108 -14.97 -21.28 4.19
N LEU C 109 -15.80 -21.96 3.43
CA LEU C 109 -17.06 -22.42 3.98
C LEU C 109 -16.87 -23.48 5.05
N SER C 110 -15.94 -24.40 4.83
CA SER C 110 -15.71 -25.46 5.82
C SER C 110 -14.56 -25.20 6.80
N ALA C 111 -14.08 -23.97 6.88
CA ALA C 111 -12.99 -23.64 7.78
C ALA C 111 -13.48 -23.04 9.11
N ASP C 112 -12.74 -23.32 10.18
CA ASP C 112 -13.10 -22.77 11.50
C ASP C 112 -12.64 -21.32 11.58
N LYS C 113 -11.50 -21.02 10.96
CA LYS C 113 -10.94 -19.68 10.96
C LYS C 113 -10.32 -19.38 9.61
N VAL C 114 -10.51 -18.15 9.13
CA VAL C 114 -9.93 -17.76 7.85
C VAL C 114 -9.09 -16.50 8.09
N LEU C 115 -7.76 -16.65 8.04
CA LEU C 115 -6.83 -15.55 8.26
C LEU C 115 -6.46 -14.94 6.93
N THR C 116 -6.58 -13.61 6.81
CA THR C 116 -6.26 -12.97 5.56
C THR C 116 -5.24 -11.84 5.66
N PHE C 117 -3.96 -12.21 5.56
CA PHE C 117 -2.85 -11.26 5.63
C PHE C 117 -2.68 -10.49 4.32
N GLN D 2 15.42 16.14 -24.33
CA GLN D 2 14.91 15.99 -22.98
C GLN D 2 15.14 14.54 -22.56
N LYS D 3 15.76 14.37 -21.41
CA LYS D 3 16.04 13.04 -20.88
C LYS D 3 15.16 12.78 -19.67
N ILE D 4 14.19 11.90 -19.84
CA ILE D 4 13.28 11.57 -18.75
C ILE D 4 13.44 10.11 -18.34
N VAL D 5 13.40 9.88 -17.03
CA VAL D 5 13.49 8.53 -16.51
C VAL D 5 12.24 8.20 -15.69
N ILE D 6 11.72 7.00 -15.92
CA ILE D 6 10.56 6.57 -15.16
C ILE D 6 11.01 5.38 -14.33
N VAL D 7 10.82 5.49 -13.02
CA VAL D 7 11.19 4.42 -12.08
C VAL D 7 9.87 3.89 -11.51
N ALA D 8 9.62 2.61 -11.73
CA ALA D 8 8.39 1.97 -11.26
C ALA D 8 8.65 0.99 -10.12
N ASN D 9 7.76 0.99 -9.13
CA ASN D 9 7.87 0.13 -7.96
C ASN D 9 6.72 -0.88 -7.84
N GLY D 10 5.55 -0.47 -8.30
CA GLY D 10 4.36 -1.31 -8.20
C GLY D 10 4.34 -2.66 -8.89
N ALA D 11 3.65 -3.61 -8.28
CA ALA D 11 3.53 -4.95 -8.83
C ALA D 11 2.56 -4.89 -9.99
N PRO D 12 2.82 -5.63 -11.07
CA PRO D 12 1.90 -5.59 -12.21
C PRO D 12 0.51 -6.05 -11.79
N TYR D 13 -0.52 -5.46 -12.40
CA TYR D 13 -1.92 -5.87 -12.10
C TYR D 13 -2.44 -5.77 -10.67
N GLY D 14 -1.57 -5.94 -9.67
CA GLY D 14 -2.01 -5.84 -8.30
C GLY D 14 -2.44 -4.42 -7.97
N SER D 15 -1.95 -3.46 -8.75
CA SER D 15 -2.26 -2.05 -8.52
C SER D 15 -2.20 -1.27 -9.84
N GLU D 16 -2.81 -0.10 -9.87
CA GLU D 16 -2.80 0.71 -11.08
C GLU D 16 -1.46 1.41 -11.29
N SER D 17 -0.72 1.58 -10.21
CA SER D 17 0.59 2.24 -10.20
C SER D 17 1.49 1.93 -11.41
N LEU D 18 1.92 0.68 -11.50
CA LEU D 18 2.78 0.24 -12.59
C LEU D 18 2.08 0.55 -13.92
N PHE D 19 0.79 0.28 -13.95
CA PHE D 19 -0.02 0.52 -15.13
C PHE D 19 0.14 1.95 -15.60
N ASN D 20 -0.15 2.92 -14.73
CA ASN D 20 -0.02 4.33 -15.10
C ASN D 20 1.39 4.71 -15.54
N SER D 21 2.40 4.04 -15.00
CA SER D 21 3.79 4.33 -15.36
C SER D 21 3.99 4.05 -16.84
N LEU D 22 3.53 2.88 -17.25
CA LEU D 22 3.64 2.47 -18.64
C LEU D 22 2.76 3.34 -19.53
N ARG D 23 1.55 3.61 -19.09
CA ARG D 23 0.63 4.43 -19.88
C ARG D 23 1.13 5.87 -20.08
N LEU D 24 1.68 6.43 -19.02
CA LEU D 24 2.21 7.79 -19.05
C LEU D 24 3.53 7.83 -19.82
N ALA D 25 4.17 6.67 -19.97
CA ALA D 25 5.45 6.58 -20.67
C ALA D 25 5.18 6.47 -22.17
N ILE D 26 4.09 5.82 -22.51
CA ILE D 26 3.68 5.65 -23.90
C ILE D 26 3.12 7.00 -24.35
N ALA D 27 2.50 7.70 -23.42
CA ALA D 27 1.96 9.02 -23.72
C ALA D 27 3.14 9.93 -24.03
N LEU D 28 4.16 9.89 -23.18
CA LEU D 28 5.34 10.71 -23.36
C LEU D 28 6.08 10.34 -24.64
N ARG D 29 6.07 9.07 -24.98
CA ARG D 29 6.76 8.59 -26.18
C ARG D 29 6.10 9.03 -27.49
N GLU D 30 4.82 9.40 -27.43
CA GLU D 30 4.11 9.82 -28.63
C GLU D 30 4.16 11.35 -28.86
N GLN D 31 3.87 12.14 -27.83
CA GLN D 31 3.90 13.58 -27.94
C GLN D 31 5.26 14.06 -28.41
N GLU D 32 6.33 13.53 -27.81
CA GLU D 32 7.70 13.88 -28.18
C GLU D 32 8.40 12.70 -28.83
N SER D 33 8.24 12.55 -30.14
CA SER D 33 8.87 11.43 -30.84
C SER D 33 10.39 11.49 -30.75
N ASN D 34 10.92 12.65 -30.37
CA ASN D 34 12.37 12.81 -30.29
C ASN D 34 12.84 13.15 -28.89
N LEU D 35 12.51 12.26 -27.95
CA LEU D 35 12.90 12.43 -26.57
C LEU D 35 13.59 11.17 -26.07
N ASP D 36 14.47 11.33 -25.08
CA ASP D 36 15.21 10.21 -24.52
C ASP D 36 14.51 9.75 -23.23
N LEU D 37 13.60 8.80 -23.39
CA LEU D 37 12.82 8.26 -22.26
C LEU D 37 13.39 6.90 -21.83
N ARG D 38 13.61 6.71 -20.54
CA ARG D 38 14.18 5.46 -20.05
C ARG D 38 13.38 4.87 -18.91
N LEU D 39 13.19 3.56 -18.93
CA LEU D 39 12.40 2.91 -17.90
C LEU D 39 13.19 1.93 -17.04
N PHE D 40 13.06 2.08 -15.72
CA PHE D 40 13.72 1.19 -14.80
C PHE D 40 12.69 0.62 -13.84
N LEU D 41 12.63 -0.70 -13.71
CA LEU D 41 11.66 -1.34 -12.82
C LEU D 41 12.38 -1.98 -11.63
N SER D 43 11.89 -3.72 -7.49
CA SER D 43 10.99 -4.52 -6.67
C SER D 43 10.02 -5.41 -7.42
N ASP D 44 8.79 -5.40 -6.93
CA ASP D 44 7.69 -6.20 -7.45
C ASP D 44 7.39 -5.89 -8.91
N ALA D 45 7.77 -4.69 -9.36
CA ALA D 45 7.53 -4.28 -10.74
C ALA D 45 8.35 -5.15 -11.69
N VAL D 46 9.39 -5.76 -11.14
CA VAL D 46 10.31 -6.60 -11.89
C VAL D 46 9.65 -7.78 -12.60
N THR D 47 8.66 -8.41 -11.98
CA THR D 47 8.00 -9.56 -12.61
C THR D 47 7.19 -9.16 -13.84
N ALA D 48 7.03 -7.86 -14.07
CA ALA D 48 6.28 -7.35 -15.21
C ALA D 48 7.03 -7.66 -16.50
N GLY D 49 8.30 -8.04 -16.37
CA GLY D 49 9.09 -8.37 -17.52
C GLY D 49 8.89 -9.76 -18.09
N LEU D 50 8.25 -10.65 -17.32
CA LEU D 50 8.01 -12.03 -17.80
C LEU D 50 7.18 -12.05 -19.08
N ARG D 51 7.38 -13.06 -19.89
CA ARG D 51 6.60 -13.22 -21.12
C ARG D 51 5.39 -14.08 -20.78
N GLY D 52 4.50 -14.27 -21.76
CA GLY D 52 3.33 -15.11 -21.54
C GLY D 52 2.23 -14.58 -20.65
N GLN D 53 2.11 -13.27 -20.50
CA GLN D 53 1.07 -12.69 -19.68
C GLN D 53 -0.26 -12.67 -20.43
N LYS D 54 -1.17 -13.57 -20.10
CA LYS D 54 -2.46 -13.56 -20.79
C LYS D 54 -3.62 -13.32 -19.84
N PRO D 55 -3.84 -12.04 -19.48
CA PRO D 55 -4.90 -11.63 -18.57
C PRO D 55 -6.21 -11.66 -19.36
N GLY D 56 -7.26 -12.20 -18.75
CA GLY D 56 -8.53 -12.25 -19.44
C GLY D 56 -9.36 -11.02 -19.13
N GLU D 57 -8.77 -10.08 -18.38
CA GLU D 57 -9.47 -8.87 -17.97
C GLU D 57 -9.24 -7.65 -18.83
N GLY D 58 -8.60 -6.64 -18.25
CA GLY D 58 -8.37 -5.40 -18.96
C GLY D 58 -7.00 -5.20 -19.58
N TYR D 59 -6.29 -4.18 -19.11
CA TYR D 59 -4.99 -3.89 -19.65
C TYR D 59 -4.02 -5.06 -19.59
N ASN D 60 -3.18 -5.14 -20.62
CA ASN D 60 -2.19 -6.21 -20.70
C ASN D 60 -0.82 -5.58 -20.62
N ILE D 61 -0.17 -5.72 -19.46
CA ILE D 61 1.13 -5.11 -19.26
C ILE D 61 2.26 -5.57 -20.16
N GLN D 62 2.17 -6.79 -20.69
CA GLN D 62 3.22 -7.26 -21.57
C GLN D 62 3.16 -6.41 -22.84
N GLN D 63 1.95 -6.25 -23.38
CA GLN D 63 1.74 -5.47 -24.60
C GLN D 63 2.21 -4.02 -24.44
N LEU D 65 4.53 -2.97 -22.61
CA LEU D 65 5.99 -3.00 -22.59
C LEU D 65 6.57 -3.24 -23.98
N GLU D 66 5.84 -3.95 -24.82
CA GLU D 66 6.33 -4.21 -26.17
C GLU D 66 6.22 -2.94 -27.00
N ILE D 67 5.16 -2.16 -26.78
CA ILE D 67 4.94 -0.91 -27.51
C ILE D 67 6.05 0.12 -27.22
N LEU D 68 6.67 0.01 -26.07
CA LEU D 68 7.75 0.91 -25.66
C LEU D 68 9.08 0.42 -26.22
N THR D 69 9.37 -0.87 -26.02
CA THR D 69 10.61 -1.46 -26.50
C THR D 69 10.69 -1.33 -28.01
N ALA D 70 9.55 -1.49 -28.67
CA ALA D 70 9.47 -1.39 -30.12
C ALA D 70 9.92 -0.01 -30.54
N GLN D 71 9.74 0.96 -29.62
CA GLN D 71 10.14 2.33 -29.89
C GLN D 71 11.48 2.69 -29.28
N ASN D 72 12.32 1.68 -29.12
CA ASN D 72 13.67 1.88 -28.59
C ASN D 72 13.76 2.51 -27.21
N VAL D 73 12.76 2.26 -26.37
CA VAL D 73 12.77 2.79 -25.02
C VAL D 73 13.40 1.74 -24.09
N PRO D 74 14.60 2.01 -23.56
CA PRO D 74 15.30 1.07 -22.66
C PRO D 74 14.46 0.66 -21.44
N VAL D 75 14.27 -0.66 -21.27
CA VAL D 75 13.54 -1.17 -20.13
C VAL D 75 14.46 -2.10 -19.33
N LYS D 76 14.90 -1.63 -18.15
CA LYS D 76 15.79 -2.41 -17.31
C LYS D 76 15.17 -2.92 -16.00
N LEU D 77 15.46 -4.17 -15.68
CA LEU D 77 14.95 -4.79 -14.46
C LEU D 77 16.08 -4.82 -13.45
N CYS D 78 15.84 -4.33 -12.24
CA CYS D 78 16.88 -4.32 -11.22
C CYS D 78 17.40 -5.74 -11.01
N LYS D 79 18.73 -5.89 -11.11
CA LYS D 79 19.41 -7.16 -10.97
C LYS D 79 19.19 -7.94 -9.66
N THR D 80 19.27 -7.26 -8.52
CA THR D 80 19.07 -7.97 -7.25
C THR D 80 17.61 -8.29 -7.00
N CYS D 81 16.72 -7.47 -7.54
CA CYS D 81 15.31 -7.72 -7.37
C CYS D 81 14.91 -8.95 -8.18
N THR D 82 15.44 -9.06 -9.39
CA THR D 82 15.13 -10.21 -10.23
C THR D 82 15.81 -11.48 -9.70
N ASP D 83 16.92 -11.34 -8.97
CA ASP D 83 17.60 -12.51 -8.41
C ASP D 83 16.71 -13.13 -7.33
N GLY D 84 16.15 -12.27 -6.48
CA GLY D 84 15.31 -12.74 -5.39
C GLY D 84 14.00 -13.40 -5.76
N ARG D 85 13.44 -13.07 -6.92
CA ARG D 85 12.18 -13.66 -7.36
C ARG D 85 12.43 -14.84 -8.29
N GLY D 86 13.63 -14.89 -8.87
CA GLY D 86 13.95 -15.96 -9.80
C GLY D 86 13.48 -15.65 -11.21
N ILE D 87 13.52 -14.37 -11.56
CA ILE D 87 13.10 -13.89 -12.87
C ILE D 87 14.31 -13.64 -13.76
N SER D 88 15.49 -13.61 -13.15
CA SER D 88 16.72 -13.36 -13.89
C SER D 88 17.03 -14.44 -14.92
N THR D 89 16.56 -15.66 -14.66
CA THR D 89 16.82 -16.79 -15.56
C THR D 89 15.61 -17.14 -16.40
N LEU D 90 14.47 -16.55 -16.08
CA LEU D 90 13.24 -16.81 -16.83
C LEU D 90 13.25 -16.04 -18.14
N PRO D 91 12.42 -16.47 -19.09
CA PRO D 91 12.32 -15.81 -20.40
C PRO D 91 11.70 -14.41 -20.30
N LEU D 92 12.51 -13.38 -20.59
CA LEU D 92 12.05 -12.01 -20.53
C LEU D 92 11.44 -11.50 -21.84
N ILE D 93 10.68 -10.41 -21.75
CA ILE D 93 10.03 -9.81 -22.90
C ILE D 93 10.98 -9.25 -23.95
N ASP D 94 10.44 -9.07 -25.15
CA ASP D 94 11.11 -8.54 -26.32
C ASP D 94 12.35 -7.73 -26.00
N GLY D 95 12.16 -6.47 -25.60
CA GLY D 95 13.31 -5.64 -25.32
C GLY D 95 13.67 -5.38 -23.87
N VAL D 96 13.04 -6.14 -22.96
CA VAL D 96 13.29 -5.99 -21.51
C VAL D 96 14.56 -6.73 -21.11
N GLU D 97 15.48 -6.01 -20.47
CA GLU D 97 16.76 -6.57 -20.03
C GLU D 97 17.05 -6.31 -18.54
N ILE D 98 17.93 -7.11 -17.98
CA ILE D 98 18.28 -6.95 -16.57
C ILE D 98 19.33 -5.87 -16.36
N GLY D 99 19.00 -4.94 -15.48
CA GLY D 99 19.90 -3.83 -15.19
C GLY D 99 20.32 -3.79 -13.74
N THR D 100 21.14 -2.79 -13.41
CA THR D 100 21.64 -2.64 -12.04
C THR D 100 21.35 -1.28 -11.46
N LEU D 101 21.52 -1.16 -10.15
CA LEU D 101 21.28 0.09 -9.45
C LEU D 101 22.24 1.16 -9.94
N VAL D 102 23.51 0.80 -10.04
CA VAL D 102 24.57 1.69 -10.51
C VAL D 102 24.15 2.37 -11.81
N GLU D 103 23.53 1.58 -12.70
CA GLU D 103 23.07 2.10 -13.99
C GLU D 103 21.97 3.13 -13.77
N LEU D 104 21.09 2.89 -12.81
CA LEU D 104 19.98 3.79 -12.52
C LEU D 104 20.54 5.11 -11.97
N ALA D 105 21.53 5.00 -11.09
CA ALA D 105 22.16 6.18 -10.52
C ALA D 105 22.70 7.04 -11.65
N GLN D 106 23.18 6.40 -12.71
CA GLN D 106 23.74 7.10 -13.84
C GLN D 106 22.65 7.75 -14.66
N TRP D 107 21.56 7.03 -14.89
CA TRP D 107 20.45 7.58 -15.65
C TRP D 107 19.90 8.80 -14.93
N THR D 108 19.75 8.68 -13.61
CA THR D 108 19.23 9.77 -12.78
C THR D 108 20.14 10.97 -12.85
N LEU D 109 21.44 10.73 -12.87
CA LEU D 109 22.40 11.81 -12.93
C LEU D 109 22.40 12.56 -14.23
N SER D 110 22.17 11.88 -15.35
CA SER D 110 22.16 12.56 -16.64
C SER D 110 20.77 12.94 -17.14
N ALA D 111 19.76 12.76 -16.32
CA ALA D 111 18.38 13.09 -16.70
C ALA D 111 17.98 14.52 -16.33
N ASP D 112 16.91 15.03 -16.94
CA ASP D 112 16.42 16.38 -16.65
C ASP D 112 15.38 16.24 -15.55
N LYS D 113 14.60 15.17 -15.64
CA LYS D 113 13.57 14.90 -14.67
C LYS D 113 13.47 13.41 -14.47
N VAL D 114 13.04 13.01 -13.29
CA VAL D 114 12.89 11.60 -12.97
C VAL D 114 11.52 11.40 -12.35
N LEU D 115 10.70 10.57 -12.97
CA LEU D 115 9.37 10.31 -12.46
C LEU D 115 9.39 8.95 -11.77
N THR D 116 8.86 8.89 -10.55
CA THR D 116 8.83 7.64 -9.78
C THR D 116 7.42 7.27 -9.33
N PHE D 117 6.95 6.08 -9.74
CA PHE D 117 5.61 5.62 -9.40
C PHE D 117 5.63 4.41 -8.46
N GLN E 2 25.10 20.57 -8.94
CA GLN E 2 23.92 19.71 -9.11
C GLN E 2 23.21 19.50 -7.77
N LYS E 3 21.96 19.96 -7.68
CA LYS E 3 21.18 19.82 -6.44
C LYS E 3 20.07 18.80 -6.61
N ILE E 4 20.16 17.69 -5.89
CA ILE E 4 19.15 16.64 -5.96
C ILE E 4 18.50 16.40 -4.62
N VAL E 5 17.17 16.33 -4.62
CA VAL E 5 16.44 16.07 -3.39
C VAL E 5 15.68 14.76 -3.48
N ILE E 6 15.74 13.98 -2.40
CA ILE E 6 15.07 12.70 -2.31
C ILE E 6 14.07 12.76 -1.16
N VAL E 7 12.83 12.35 -1.43
CA VAL E 7 11.81 12.35 -0.41
C VAL E 7 11.24 10.95 -0.23
N ALA E 8 11.51 10.35 0.93
CA ALA E 8 11.00 9.03 1.23
C ALA E 8 9.74 9.23 2.07
N ASN E 9 8.73 8.38 1.87
CA ASN E 9 7.46 8.49 2.58
C ASN E 9 7.10 7.21 3.31
N GLY E 10 7.65 6.09 2.84
CA GLY E 10 7.34 4.79 3.41
C GLY E 10 8.02 4.39 4.70
N ALA E 11 7.33 3.55 5.47
CA ALA E 11 7.84 3.07 6.76
C ALA E 11 9.02 2.13 6.65
N PRO E 12 9.99 2.26 7.56
CA PRO E 12 11.17 1.40 7.56
C PRO E 12 10.79 -0.09 7.65
N TYR E 13 11.43 -0.91 6.81
CA TYR E 13 11.21 -2.36 6.82
C TYR E 13 9.84 -2.86 6.33
N GLY E 14 8.82 -2.01 6.42
CA GLY E 14 7.50 -2.41 6.00
C GLY E 14 7.46 -2.80 4.55
N SER E 15 8.19 -2.03 3.73
CA SER E 15 8.26 -2.29 2.29
C SER E 15 9.66 -1.96 1.80
N GLU E 16 9.98 -2.40 0.58
CA GLU E 16 11.28 -2.15 0.01
C GLU E 16 11.45 -0.68 -0.35
N SER E 17 10.32 0.04 -0.40
CA SER E 17 10.31 1.46 -0.76
C SER E 17 11.38 2.37 -0.14
N LEU E 18 11.32 2.56 1.17
CA LEU E 18 12.32 3.40 1.86
C LEU E 18 13.71 2.84 1.54
N PHE E 19 13.81 1.52 1.54
CA PHE E 19 15.07 0.84 1.28
C PHE E 19 15.63 1.19 -0.09
N ASN E 20 14.76 1.28 -1.08
CA ASN E 20 15.24 1.62 -2.41
C ASN E 20 15.75 3.04 -2.47
N SER E 21 14.99 3.99 -1.94
CA SER E 21 15.42 5.38 -1.98
C SER E 21 16.80 5.51 -1.35
N LEU E 22 16.97 4.96 -0.15
CA LEU E 22 18.27 5.05 0.52
C LEU E 22 19.35 4.39 -0.33
N ARG E 23 18.95 3.31 -1.00
CA ARG E 23 19.85 2.55 -1.84
C ARG E 23 20.22 3.37 -3.08
N LEU E 24 19.27 4.11 -3.64
CA LEU E 24 19.56 4.93 -4.80
C LEU E 24 20.48 6.07 -4.39
N ALA E 25 20.10 6.74 -3.30
CA ALA E 25 20.86 7.86 -2.78
C ALA E 25 22.33 7.52 -2.53
N ILE E 26 22.60 6.36 -1.94
CA ILE E 26 23.98 5.99 -1.69
C ILE E 26 24.67 5.82 -3.04
N ALA E 27 23.96 5.23 -4.00
CA ALA E 27 24.51 5.02 -5.34
C ALA E 27 24.84 6.35 -6.02
N LEU E 28 23.97 7.35 -5.84
CA LEU E 28 24.21 8.65 -6.44
C LEU E 28 25.49 9.26 -5.87
N ARG E 29 25.58 9.24 -4.55
CA ARG E 29 26.74 9.80 -3.86
C ARG E 29 28.04 9.08 -4.19
N GLU E 30 27.95 7.79 -4.53
CA GLU E 30 29.13 7.03 -4.87
C GLU E 30 29.52 7.24 -6.34
N GLN E 31 28.67 7.93 -7.10
CA GLN E 31 28.95 8.21 -8.49
C GLN E 31 29.45 9.65 -8.63
N GLU E 32 29.11 10.49 -7.65
CA GLU E 32 29.54 11.88 -7.66
C GLU E 32 29.89 12.30 -6.23
N SER E 33 31.18 12.41 -5.97
CA SER E 33 31.68 12.77 -4.65
C SER E 33 31.07 14.03 -4.06
N ASN E 34 30.96 15.10 -4.84
CA ASN E 34 30.43 16.36 -4.32
C ASN E 34 29.08 16.80 -4.91
N LEU E 35 28.14 15.85 -4.95
CA LEU E 35 26.78 16.08 -5.45
C LEU E 35 25.96 16.61 -4.29
N ASP E 36 25.39 17.80 -4.43
CA ASP E 36 24.57 18.39 -3.38
C ASP E 36 23.29 17.54 -3.28
N LEU E 37 23.35 16.49 -2.46
CA LEU E 37 22.24 15.55 -2.28
C LEU E 37 21.60 15.72 -0.91
N ARG E 38 20.29 15.93 -0.88
CA ARG E 38 19.59 16.11 0.39
C ARG E 38 18.43 15.14 0.55
N LEU E 39 18.29 14.59 1.75
CA LEU E 39 17.23 13.63 2.04
C LEU E 39 16.19 14.25 2.95
N PHE E 40 14.93 13.94 2.68
CA PHE E 40 13.83 14.43 3.50
C PHE E 40 12.84 13.30 3.72
N LEU E 41 12.70 12.89 4.97
CA LEU E 41 11.80 11.81 5.33
C LEU E 41 10.50 12.32 5.92
N SER E 43 6.04 11.51 6.74
CA SER E 43 5.09 10.49 7.20
C SER E 43 5.69 9.28 7.92
N ASP E 44 5.36 8.10 7.43
CA ASP E 44 5.80 6.82 7.99
C ASP E 44 7.31 6.60 8.08
N ALA E 45 8.04 7.15 7.11
CA ALA E 45 9.48 7.00 7.02
C ALA E 45 10.25 7.74 8.12
N VAL E 46 9.54 8.57 8.87
CA VAL E 46 10.18 9.35 9.89
C VAL E 46 10.74 8.53 11.04
N THR E 47 10.28 7.28 11.17
CA THR E 47 10.77 6.44 12.25
C THR E 47 12.12 5.82 11.94
N ALA E 48 12.59 5.99 10.70
CA ALA E 48 13.88 5.45 10.31
C ALA E 48 15.01 6.15 11.06
N GLY E 49 14.76 7.39 11.49
CA GLY E 49 15.78 8.14 12.20
C GLY E 49 16.08 7.59 13.59
N LEU E 50 15.41 6.51 13.99
CA LEU E 50 15.64 5.94 15.31
C LEU E 50 16.99 5.25 15.42
N ARG E 51 17.62 5.46 16.57
CA ARG E 51 18.95 4.96 16.83
C ARG E 51 19.17 3.48 17.19
N GLY E 52 18.32 2.89 18.03
CA GLY E 52 18.59 1.51 18.40
C GLY E 52 18.28 0.35 17.42
N GLN E 53 18.21 0.65 16.14
CA GLN E 53 17.88 -0.36 15.17
C GLN E 53 18.81 -1.53 15.12
N LYS E 54 18.25 -2.71 15.37
CA LYS E 54 19.04 -3.93 15.34
C LYS E 54 18.34 -5.09 14.63
N PRO E 55 18.19 -4.98 13.30
CA PRO E 55 17.54 -6.05 12.54
C PRO E 55 18.45 -7.27 12.71
N GLY E 56 18.12 -8.37 12.07
CA GLY E 56 18.96 -9.54 12.19
C GLY E 56 18.62 -10.39 11.00
N GLU E 57 18.66 -9.74 9.83
CA GLU E 57 18.29 -10.42 8.63
C GLU E 57 19.05 -9.91 7.43
N GLY E 58 18.49 -8.92 6.76
CA GLY E 58 19.11 -8.37 5.59
C GLY E 58 19.62 -6.95 5.72
N TYR E 59 18.89 -6.01 5.17
CA TYR E 59 19.31 -4.61 5.21
C TYR E 59 19.03 -3.85 6.48
N ASN E 60 19.96 -2.95 6.84
CA ASN E 60 19.80 -2.14 8.03
C ASN E 60 19.63 -0.67 7.64
N ILE E 61 18.41 -0.17 7.79
CA ILE E 61 18.10 1.22 7.45
C ILE E 61 18.95 2.20 8.23
N GLN E 62 19.19 1.94 9.51
CA GLN E 62 20.01 2.86 10.30
C GLN E 62 21.40 2.99 9.69
N GLN E 63 21.99 1.85 9.35
CA GLN E 63 23.31 1.81 8.76
C GLN E 63 23.36 2.58 7.43
N LEU E 65 21.60 5.05 6.60
CA LEU E 65 21.53 6.49 6.90
C LEU E 65 22.88 7.00 7.37
N GLU E 66 23.60 6.15 8.10
CA GLU E 66 24.90 6.52 8.60
C GLU E 66 25.92 6.62 7.48
N ILE E 67 25.70 5.88 6.40
CA ILE E 67 26.61 5.92 5.25
C ILE E 67 26.37 7.22 4.52
N LEU E 68 25.16 7.74 4.63
CA LEU E 68 24.80 9.00 3.98
C LEU E 68 25.20 10.17 4.88
N THR E 69 24.88 10.12 6.17
CA THR E 69 25.25 11.22 7.06
C THR E 69 26.61 10.90 7.67
N ALA E 70 27.64 11.17 6.87
CA ALA E 70 29.04 10.94 7.23
C ALA E 70 29.78 11.40 5.99
N GLN E 71 29.03 11.47 4.89
CA GLN E 71 29.53 11.96 3.61
C GLN E 71 28.87 13.32 3.55
N ASN E 72 28.54 13.82 4.74
CA ASN E 72 27.90 15.10 4.96
C ASN E 72 26.62 15.33 4.16
N VAL E 73 25.81 14.29 4.04
CA VAL E 73 24.53 14.39 3.34
C VAL E 73 23.43 14.72 4.34
N PRO E 74 22.78 15.88 4.17
CA PRO E 74 21.70 16.28 5.10
C PRO E 74 20.60 15.25 5.06
N VAL E 75 19.98 15.00 6.21
CA VAL E 75 18.88 14.04 6.30
C VAL E 75 17.89 14.60 7.33
N LYS E 76 16.76 15.12 6.82
CA LYS E 76 15.76 15.72 7.69
C LYS E 76 14.51 14.89 7.92
N LEU E 77 14.00 14.89 9.15
CA LEU E 77 12.79 14.18 9.48
C LEU E 77 11.78 15.31 9.67
N CYS E 78 10.60 15.20 9.05
CA CYS E 78 9.57 16.24 9.12
C CYS E 78 9.03 16.43 10.52
N LYS E 79 9.20 17.63 11.05
CA LYS E 79 8.77 17.98 12.40
C LYS E 79 7.42 17.48 12.84
N THR E 80 6.37 17.74 12.07
CA THR E 80 5.03 17.31 12.47
C THR E 80 4.86 15.80 12.45
N CYS E 81 5.54 15.14 11.53
CA CYS E 81 5.46 13.70 11.44
C CYS E 81 6.13 13.09 12.68
N THR E 82 7.26 13.66 13.11
CA THR E 82 7.95 13.16 14.28
C THR E 82 7.17 13.50 15.54
N ASP E 83 6.61 14.70 15.60
CA ASP E 83 5.84 15.09 16.78
C ASP E 83 4.62 14.20 16.95
N GLY E 84 4.08 13.71 15.83
CA GLY E 84 2.93 12.84 15.89
C GLY E 84 3.23 11.45 16.47
N ARG E 85 4.32 10.83 16.05
CA ARG E 85 4.68 9.50 16.52
C ARG E 85 5.58 9.45 17.77
N GLY E 86 5.86 10.61 18.36
CA GLY E 86 6.69 10.67 19.55
C GLY E 86 8.17 10.40 19.33
N ILE E 87 8.71 10.93 18.25
CA ILE E 87 10.10 10.75 17.89
C ILE E 87 10.92 12.02 18.12
N SER E 88 10.24 13.17 18.12
CA SER E 88 10.89 14.47 18.30
C SER E 88 11.86 14.59 19.45
N THR E 89 11.65 13.82 20.51
CA THR E 89 12.52 13.90 21.68
C THR E 89 13.53 12.77 21.88
N LEU E 90 13.25 11.60 21.31
CA LEU E 90 14.14 10.46 21.44
C LEU E 90 15.45 10.62 20.66
N PRO E 91 16.45 9.77 20.92
CA PRO E 91 17.74 9.83 20.24
C PRO E 91 17.63 9.38 18.78
N LEU E 92 18.12 10.23 17.89
CA LEU E 92 18.08 9.95 16.46
C LEU E 92 19.47 9.63 15.94
N ILE E 93 19.53 8.99 14.77
CA ILE E 93 20.81 8.62 14.17
C ILE E 93 21.69 9.86 14.00
N ASP E 94 23.01 9.64 13.99
CA ASP E 94 24.02 10.71 13.87
C ASP E 94 23.61 12.04 13.23
N GLY E 95 23.91 12.22 11.95
CA GLY E 95 23.59 13.47 11.30
C GLY E 95 22.15 13.61 10.83
N VAL E 96 21.26 12.87 11.47
CA VAL E 96 19.85 12.90 11.14
C VAL E 96 19.22 13.96 12.03
N GLU E 97 18.35 14.79 11.44
CA GLU E 97 17.71 15.86 12.22
C GLU E 97 16.27 16.12 11.91
N ILE E 98 15.71 17.09 12.62
CA ILE E 98 14.33 17.46 12.43
C ILE E 98 14.18 18.76 11.66
N GLY E 99 13.46 18.68 10.55
CA GLY E 99 13.22 19.85 9.71
C GLY E 99 11.77 20.18 9.59
N THR E 100 11.41 21.10 8.71
CA THR E 100 10.03 21.51 8.55
C THR E 100 9.59 21.48 7.11
N LEU E 101 8.27 21.50 6.90
CA LEU E 101 7.71 21.49 5.54
C LEU E 101 8.21 22.71 4.77
N VAL E 102 8.45 23.80 5.52
CA VAL E 102 8.96 25.04 4.94
C VAL E 102 10.33 24.77 4.30
N GLU E 103 11.13 23.96 4.96
CA GLU E 103 12.46 23.60 4.49
C GLU E 103 12.42 22.73 3.23
N LEU E 104 11.43 21.83 3.13
CA LEU E 104 11.32 20.95 1.98
C LEU E 104 10.86 21.75 0.77
N ALA E 105 10.01 22.75 0.99
CA ALA E 105 9.52 23.57 -0.12
C ALA E 105 10.68 24.42 -0.60
N GLN E 106 11.47 24.86 0.36
CA GLN E 106 12.67 25.67 0.16
C GLN E 106 13.67 24.83 -0.66
N TRP E 107 13.86 23.57 -0.26
CA TRP E 107 14.76 22.68 -0.97
C TRP E 107 14.24 22.43 -2.39
N THR E 108 13.03 21.90 -2.47
CA THR E 108 12.41 21.58 -3.75
C THR E 108 12.55 22.66 -4.81
N LEU E 109 12.13 23.88 -4.48
CA LEU E 109 12.19 24.97 -5.42
C LEU E 109 13.58 25.20 -6.00
N SER E 110 14.61 25.20 -5.16
CA SER E 110 15.99 25.43 -5.60
C SER E 110 16.74 24.16 -6.03
N ALA E 111 16.01 23.10 -6.33
CA ALA E 111 16.62 21.83 -6.72
C ALA E 111 16.47 21.50 -8.19
N ASP E 112 17.48 20.85 -8.75
CA ASP E 112 17.46 20.47 -10.16
C ASP E 112 16.56 19.26 -10.38
N LYS E 113 16.61 18.31 -9.45
CA LYS E 113 15.78 17.13 -9.56
C LYS E 113 15.20 16.82 -8.19
N VAL E 114 13.98 16.30 -8.19
CA VAL E 114 13.34 15.95 -6.94
C VAL E 114 12.69 14.58 -7.05
N LEU E 115 13.45 13.55 -6.65
CA LEU E 115 12.97 12.19 -6.68
C LEU E 115 12.09 11.98 -5.46
N THR E 116 10.80 11.85 -5.71
CA THR E 116 9.81 11.67 -4.65
C THR E 116 9.42 10.22 -4.41
N PHE E 117 10.23 9.52 -3.60
CA PHE E 117 9.95 8.14 -3.25
C PHE E 117 8.98 8.16 -2.05
N GLN F 2 8.94 29.29 -13.01
CA GLN F 2 9.41 27.91 -12.86
C GLN F 2 8.21 26.99 -12.86
N LYS F 3 8.20 26.05 -13.79
CA LYS F 3 7.11 25.09 -13.93
C LYS F 3 7.26 23.83 -13.08
N ILE F 4 6.36 23.67 -12.11
CA ILE F 4 6.38 22.49 -11.27
C ILE F 4 5.05 21.77 -11.37
N VAL F 5 5.10 20.46 -11.57
CA VAL F 5 3.90 19.64 -11.70
C VAL F 5 3.86 18.56 -10.63
N ILE F 6 2.78 18.55 -9.86
CA ILE F 6 2.59 17.58 -8.81
C ILE F 6 1.58 16.55 -9.25
N VAL F 7 1.84 15.28 -9.00
CA VAL F 7 0.91 14.21 -9.39
C VAL F 7 0.60 13.25 -8.26
N ALA F 8 -0.61 13.36 -7.70
CA ALA F 8 -1.03 12.50 -6.61
C ALA F 8 -1.72 11.26 -7.16
N ASN F 9 -1.62 10.16 -6.43
CA ASN F 9 -2.20 8.90 -6.89
C ASN F 9 -3.00 8.19 -5.79
N GLY F 10 -2.77 8.57 -4.54
CA GLY F 10 -3.46 7.94 -3.42
C GLY F 10 -4.86 8.42 -3.12
N ALA F 11 -5.64 7.56 -2.45
CA ALA F 11 -7.01 7.88 -2.08
C ALA F 11 -7.06 8.87 -0.92
N PRO F 12 -8.04 9.77 -0.94
CA PRO F 12 -8.17 10.77 0.13
C PRO F 12 -8.48 10.14 1.49
N TYR F 13 -7.81 10.62 2.54
CA TYR F 13 -8.00 10.15 3.90
C TYR F 13 -7.49 8.72 4.13
N GLY F 14 -7.37 7.95 3.06
CA GLY F 14 -6.89 6.59 3.21
C GLY F 14 -5.45 6.56 3.65
N SER F 15 -4.66 7.50 3.13
CA SER F 15 -3.25 7.59 3.45
C SER F 15 -2.76 9.04 3.38
N GLU F 16 -1.67 9.31 4.09
CA GLU F 16 -1.06 10.63 4.11
C GLU F 16 -0.52 10.96 2.73
N SER F 17 -0.45 9.96 1.87
CA SER F 17 0.08 10.13 0.53
C SER F 17 -0.47 11.35 -0.20
N LEU F 18 -1.81 11.45 -0.33
CA LEU F 18 -2.41 12.59 -1.02
C LEU F 18 -2.43 13.82 -0.11
N PHE F 19 -2.48 13.60 1.19
CA PHE F 19 -2.49 14.70 2.13
C PHE F 19 -1.16 15.46 2.03
N ASN F 20 -0.04 14.71 2.07
CA ASN F 20 1.28 15.30 1.97
C ASN F 20 1.51 16.01 0.64
N SER F 21 0.95 15.47 -0.44
CA SER F 21 1.11 16.10 -1.75
C SER F 21 0.45 17.45 -1.77
N LEU F 22 -0.58 17.65 -0.95
CA LEU F 22 -1.28 18.94 -0.91
C LEU F 22 -0.60 19.92 0.03
N ARG F 23 -0.05 19.40 1.13
CA ARG F 23 0.67 20.22 2.09
C ARG F 23 1.89 20.80 1.37
N LEU F 24 2.56 19.95 0.61
CA LEU F 24 3.73 20.34 -0.13
C LEU F 24 3.33 21.32 -1.22
N ALA F 25 2.15 21.09 -1.81
CA ALA F 25 1.65 21.96 -2.85
C ALA F 25 1.37 23.37 -2.29
N ILE F 26 0.57 23.42 -1.23
CA ILE F 26 0.23 24.69 -0.60
C ILE F 26 1.47 25.42 -0.12
N ALA F 27 2.41 24.68 0.46
CA ALA F 27 3.64 25.26 0.97
C ALA F 27 4.51 25.88 -0.14
N LEU F 28 4.60 25.22 -1.29
CA LEU F 28 5.40 25.72 -2.41
C LEU F 28 4.92 27.08 -2.87
N ARG F 29 3.61 27.23 -2.96
CA ARG F 29 3.02 28.50 -3.40
C ARG F 29 3.16 29.63 -2.40
N GLU F 30 3.39 29.29 -1.13
CA GLU F 30 3.58 30.33 -0.13
C GLU F 30 4.98 30.91 -0.23
N GLN F 31 5.97 30.06 -0.51
CA GLN F 31 7.35 30.53 -0.68
C GLN F 31 7.38 31.44 -1.90
N GLU F 32 6.67 31.06 -2.98
CA GLU F 32 6.65 31.85 -4.21
C GLU F 32 5.27 31.90 -4.87
N SER F 33 4.59 33.04 -4.75
CA SER F 33 3.27 33.18 -5.32
C SER F 33 3.20 33.19 -6.85
N ASN F 34 4.33 33.21 -7.55
CA ASN F 34 4.34 33.22 -9.02
C ASN F 34 4.37 31.83 -9.67
N LEU F 35 4.81 30.85 -8.88
CA LEU F 35 4.94 29.48 -9.33
C LEU F 35 3.88 29.00 -10.30
N ASP F 36 4.29 28.54 -11.48
CA ASP F 36 3.33 27.98 -12.41
C ASP F 36 3.23 26.52 -11.91
N LEU F 37 2.45 26.35 -10.85
CA LEU F 37 2.24 25.07 -10.19
C LEU F 37 0.93 24.46 -10.67
N ARG F 38 0.98 23.18 -11.06
CA ARG F 38 -0.19 22.45 -11.54
C ARG F 38 -0.40 21.13 -10.82
N LEU F 39 -1.67 20.79 -10.58
CA LEU F 39 -2.03 19.56 -9.86
C LEU F 39 -2.82 18.60 -10.75
N PHE F 40 -2.40 17.34 -10.76
CA PHE F 40 -3.07 16.32 -11.56
C PHE F 40 -3.37 15.15 -10.63
N LEU F 41 -4.62 14.69 -10.64
CA LEU F 41 -5.01 13.59 -9.78
C LEU F 41 -5.31 12.32 -10.55
N SER F 43 -6.11 7.95 -10.75
CA SER F 43 -6.83 6.84 -10.15
C SER F 43 -7.61 7.12 -8.86
N ASP F 44 -7.30 6.40 -7.79
CA ASP F 44 -7.96 6.61 -6.51
C ASP F 44 -7.99 8.01 -5.91
N ALA F 45 -7.08 8.86 -6.36
CA ALA F 45 -7.01 10.23 -5.86
C ALA F 45 -8.16 11.08 -6.43
N VAL F 46 -8.65 10.65 -7.59
CA VAL F 46 -9.73 11.32 -8.31
C VAL F 46 -10.98 11.69 -7.46
N THR F 47 -11.29 10.87 -6.50
CA THR F 47 -12.46 11.12 -5.64
C THR F 47 -12.26 12.31 -4.68
N ALA F 48 -11.02 12.79 -4.59
CA ALA F 48 -10.72 13.94 -3.73
C ALA F 48 -11.44 15.19 -4.24
N GLY F 49 -11.66 15.25 -5.55
CA GLY F 49 -12.33 16.40 -6.14
C GLY F 49 -13.82 16.53 -5.87
N LEU F 50 -14.39 15.63 -5.07
CA LEU F 50 -15.83 15.72 -4.79
C LEU F 50 -16.15 16.78 -3.75
N ARG F 51 -17.36 17.31 -3.85
CA ARG F 51 -17.84 18.32 -2.90
C ARG F 51 -18.66 17.65 -1.80
N GLY F 52 -18.73 18.30 -0.63
CA GLY F 52 -19.50 17.74 0.47
C GLY F 52 -18.63 17.00 1.46
N GLN F 53 -17.33 17.27 1.41
CA GLN F 53 -16.40 16.63 2.31
C GLN F 53 -16.45 17.27 3.67
N LYS F 54 -16.86 16.48 4.65
CA LYS F 54 -16.97 16.94 6.04
C LYS F 54 -16.35 15.90 6.92
N PRO F 55 -15.01 15.94 7.04
CA PRO F 55 -14.21 15.02 7.84
C PRO F 55 -14.61 15.05 9.32
N GLY F 56 -14.75 13.86 9.91
CA GLY F 56 -15.12 13.79 11.32
C GLY F 56 -14.17 14.57 12.21
N GLU F 57 -12.89 14.53 11.84
CA GLU F 57 -11.83 15.22 12.56
C GLU F 57 -10.64 15.27 11.60
N GLY F 58 -9.48 15.67 12.11
CA GLY F 58 -8.31 15.73 11.27
C GLY F 58 -8.45 16.69 10.11
N TYR F 59 -7.53 16.60 9.16
CA TYR F 59 -7.53 17.47 8.01
C TYR F 59 -8.70 17.27 7.05
N ASN F 60 -8.98 18.31 6.26
CA ASN F 60 -10.05 18.30 5.29
C ASN F 60 -9.48 18.51 3.89
N ILE F 61 -9.45 17.45 3.10
CA ILE F 61 -8.91 17.53 1.76
C ILE F 61 -9.59 18.50 0.80
N GLN F 62 -10.89 18.73 0.99
CA GLN F 62 -11.62 19.64 0.11
C GLN F 62 -11.12 21.06 0.28
N GLN F 63 -11.05 21.52 1.53
CA GLN F 63 -10.58 22.84 1.84
C GLN F 63 -9.20 23.03 1.21
N LEU F 65 -7.77 21.59 -1.28
CA LEU F 65 -7.88 21.74 -2.73
C LEU F 65 -8.47 23.10 -3.10
N GLU F 66 -9.40 23.58 -2.28
CA GLU F 66 -10.03 24.88 -2.50
C GLU F 66 -9.02 26.00 -2.30
N ILE F 67 -8.18 25.87 -1.27
CA ILE F 67 -7.16 26.86 -0.98
C ILE F 67 -6.15 26.93 -2.12
N LEU F 68 -6.09 25.89 -2.96
CA LEU F 68 -5.18 25.87 -4.09
C LEU F 68 -5.86 26.46 -5.32
N THR F 69 -7.07 25.99 -5.60
CA THR F 69 -7.82 26.47 -6.76
C THR F 69 -8.15 27.95 -6.63
N ALA F 70 -8.15 28.44 -5.40
CA ALA F 70 -8.44 29.86 -5.14
C ALA F 70 -7.31 30.72 -5.68
N GLN F 71 -6.09 30.21 -5.59
CA GLN F 71 -4.91 30.93 -6.08
C GLN F 71 -4.75 30.65 -7.57
N ASN F 72 -5.64 29.82 -8.12
CA ASN F 72 -5.62 29.46 -9.54
C ASN F 72 -4.70 28.31 -9.90
N VAL F 73 -4.44 27.43 -8.95
CA VAL F 73 -3.58 26.29 -9.19
C VAL F 73 -4.40 25.22 -9.92
N PRO F 74 -4.19 25.07 -11.23
CA PRO F 74 -4.93 24.07 -12.02
C PRO F 74 -4.92 22.68 -11.37
N VAL F 75 -6.11 22.16 -11.09
CA VAL F 75 -6.24 20.84 -10.50
C VAL F 75 -7.06 20.03 -11.50
N LYS F 76 -6.44 19.03 -12.09
CA LYS F 76 -7.12 18.22 -13.09
C LYS F 76 -7.32 16.77 -12.69
N LEU F 77 -8.54 16.27 -12.88
CA LEU F 77 -8.87 14.88 -12.58
C LEU F 77 -8.84 14.07 -13.87
N CYS F 78 -8.11 12.97 -13.86
CA CYS F 78 -7.98 12.09 -15.03
C CYS F 78 -9.35 11.55 -15.49
N LYS F 79 -9.70 11.84 -16.75
CA LYS F 79 -10.97 11.41 -17.35
C LYS F 79 -11.34 9.93 -17.19
N THR F 80 -10.41 9.03 -17.49
CA THR F 80 -10.71 7.61 -17.39
C THR F 80 -11.00 7.14 -15.97
N CYS F 81 -10.23 7.62 -15.01
CA CYS F 81 -10.40 7.24 -13.62
C CYS F 81 -11.73 7.80 -13.09
N THR F 82 -12.11 8.99 -13.53
CA THR F 82 -13.36 9.58 -13.05
C THR F 82 -14.56 8.82 -13.60
N ASP F 83 -14.50 8.43 -14.88
CA ASP F 83 -15.60 7.69 -15.49
C ASP F 83 -15.86 6.41 -14.71
N GLY F 84 -14.84 5.57 -14.61
CA GLY F 84 -14.99 4.30 -13.90
C GLY F 84 -15.42 4.37 -12.45
N ARG F 85 -15.39 5.54 -11.84
CA ARG F 85 -15.80 5.69 -10.46
C ARG F 85 -17.08 6.49 -10.34
N GLY F 86 -17.53 7.04 -11.47
CA GLY F 86 -18.74 7.82 -11.47
C GLY F 86 -18.57 9.17 -10.83
N ILE F 87 -17.38 9.75 -10.96
CA ILE F 87 -17.06 11.07 -10.41
C ILE F 87 -17.19 12.16 -11.48
N SER F 88 -17.14 11.77 -12.74
CA SER F 88 -17.21 12.69 -13.88
C SER F 88 -18.45 13.58 -13.89
N THR F 89 -19.61 12.94 -13.78
CA THR F 89 -20.88 13.63 -13.80
C THR F 89 -21.27 14.32 -12.50
N LEU F 90 -20.70 13.85 -11.39
CA LEU F 90 -20.98 14.43 -10.08
C LEU F 90 -20.37 15.82 -9.85
N PRO F 91 -20.86 16.57 -8.85
CA PRO F 91 -20.40 17.91 -8.50
C PRO F 91 -18.97 17.96 -7.96
N LEU F 92 -18.11 18.71 -8.64
CA LEU F 92 -16.71 18.83 -8.26
C LEU F 92 -16.38 20.05 -7.38
N ILE F 93 -15.29 19.92 -6.61
CA ILE F 93 -14.81 20.94 -5.67
C ILE F 93 -14.74 22.41 -6.06
N ASP F 94 -14.75 22.69 -7.35
CA ASP F 94 -14.79 24.06 -7.88
C ASP F 94 -14.14 24.14 -9.24
N GLY F 95 -12.82 24.33 -9.14
CA GLY F 95 -11.98 24.84 -10.23
C GLY F 95 -11.00 23.69 -10.01
N VAL F 96 -11.64 22.61 -9.60
CA VAL F 96 -11.40 21.28 -10.18
C VAL F 96 -12.05 21.06 -11.53
N GLU F 97 -11.36 20.27 -12.37
CA GLU F 97 -11.84 19.95 -13.71
C GLU F 97 -11.34 18.59 -14.17
N ILE F 98 -12.04 18.01 -15.14
CA ILE F 98 -11.68 16.71 -15.69
C ILE F 98 -10.62 16.90 -16.79
N GLY F 99 -9.46 16.29 -16.59
CA GLY F 99 -8.38 16.41 -17.57
C GLY F 99 -8.07 15.05 -18.19
N THR F 100 -7.00 14.97 -18.97
CA THR F 100 -6.62 13.73 -19.62
C THR F 100 -5.13 13.38 -19.50
N LEU F 101 -4.80 12.10 -19.74
CA LEU F 101 -3.43 11.63 -19.65
C LEU F 101 -2.58 12.33 -20.68
N VAL F 102 -3.21 12.70 -21.80
CA VAL F 102 -2.50 13.40 -22.86
C VAL F 102 -2.11 14.78 -22.36
N GLU F 103 -2.93 15.33 -21.48
CA GLU F 103 -2.66 16.64 -20.88
C GLU F 103 -1.50 16.48 -19.89
N LEU F 104 -1.49 15.38 -19.16
CA LEU F 104 -0.40 15.14 -18.21
C LEU F 104 0.88 15.02 -19.00
N ALA F 105 0.87 14.17 -20.03
CA ALA F 105 2.04 14.00 -20.90
C ALA F 105 2.00 15.29 -21.69
N GLN F 106 2.65 16.33 -21.18
CA GLN F 106 2.61 17.62 -21.84
C GLN F 106 3.07 18.56 -20.75
N TRP F 107 2.36 18.51 -19.61
CA TRP F 107 2.71 19.28 -18.44
C TRP F 107 4.08 18.75 -18.08
N THR F 108 4.18 17.42 -18.15
CA THR F 108 5.41 16.68 -17.84
C THR F 108 6.53 17.08 -18.79
N LEU F 109 6.19 17.13 -20.08
CA LEU F 109 7.14 17.47 -21.11
C LEU F 109 7.57 18.94 -21.06
N SER F 110 6.73 19.78 -20.46
CA SER F 110 7.05 21.21 -20.38
C SER F 110 7.36 21.70 -18.97
N ALA F 111 7.34 20.80 -17.99
CA ALA F 111 7.62 21.19 -16.61
C ALA F 111 9.12 21.20 -16.36
N ASP F 112 9.50 21.65 -15.16
CA ASP F 112 10.91 21.69 -14.76
C ASP F 112 11.14 20.48 -13.85
N LYS F 113 10.19 20.28 -12.95
CA LYS F 113 10.27 19.18 -12.02
C LYS F 113 8.89 18.55 -11.99
N VAL F 114 8.83 17.23 -11.80
CA VAL F 114 7.55 16.55 -11.71
C VAL F 114 7.55 15.77 -10.40
N LEU F 115 6.97 16.37 -9.38
CA LEU F 115 6.88 15.75 -8.06
C LEU F 115 5.76 14.74 -8.07
N THR F 116 6.13 13.47 -8.01
CA THR F 116 5.17 12.36 -8.07
C THR F 116 4.88 11.71 -6.73
N PHE F 117 3.63 11.86 -6.27
CA PHE F 117 3.23 11.24 -5.02
C PHE F 117 2.14 10.22 -5.36
#